data_3I4F
#
_entry.id   3I4F
#
_cell.length_a   69.418
_cell.length_b   86.592
_cell.length_c   78.413
_cell.angle_alpha   90.000
_cell.angle_beta   97.050
_cell.angle_gamma   90.000
#
_symmetry.space_group_name_H-M   'P 1 21 1'
#
loop_
_entity.id
_entity.type
_entity.pdbx_description
1 polymer '3-oxoacyl-[acyl-carrier protein] reductase'
2 water water
#
_entity_poly.entity_id   1
_entity_poly.type   'polypeptide(L)'
_entity_poly.pdbx_seq_one_letter_code
;MSLGRFVRHALITAGTKGLGKQVTEKLLAKGYSVTVTYHSDTTAMETMKETYKDVEERLQFVQADVTKKEDLHKIVEEAM
SHFGKIDFLINNAGPYVFERKKLVDYEEDEWNEMIQGNLTAVFHLLKLVVPVMRKQNFGRIINYGFQGADSAPGWIYRSA
FAAAKVGLVSLTKTVAYEEAEYGITANMVCPGDIIGEMKEATIQEARQLKEHNTPIGRSGTGEDIARTISFLCEDDSDMI
TGTIIEVTGAVDVIHREGHHHHHH
;
_entity_poly.pdbx_strand_id   A,B,C,D
#
# COMPACT_ATOMS: atom_id res chain seq x y z
N PHE A 6 35.82 -20.63 5.12
CA PHE A 6 34.48 -20.64 5.78
C PHE A 6 33.93 -19.21 5.97
N VAL A 7 34.32 -18.29 5.09
CA VAL A 7 33.96 -16.86 5.19
C VAL A 7 32.97 -16.40 4.07
N ARG A 8 32.06 -15.50 4.42
CA ARG A 8 30.93 -15.12 3.55
C ARG A 8 31.33 -14.37 2.28
N HIS A 9 30.84 -14.85 1.14
CA HIS A 9 31.12 -14.20 -0.13
C HIS A 9 29.89 -13.45 -0.68
N ALA A 10 30.15 -12.26 -1.23
CA ALA A 10 29.11 -11.45 -1.84
C ALA A 10 29.32 -11.28 -3.33
N LEU A 11 28.21 -11.21 -4.07
CA LEU A 11 28.21 -10.85 -5.47
C LEU A 11 27.44 -9.56 -5.63
N ILE A 12 28.13 -8.50 -6.02
CA ILE A 12 27.50 -7.20 -6.22
C ILE A 12 27.69 -6.67 -7.64
N THR A 13 26.56 -6.49 -8.32
CA THR A 13 26.54 -5.98 -9.66
C THR A 13 26.77 -4.46 -9.66
N ALA A 14 27.69 -4.01 -10.51
CA ALA A 14 28.07 -2.59 -10.66
C ALA A 14 28.68 -2.04 -9.39
N GLY A 15 29.57 -2.83 -8.78
CA GLY A 15 30.13 -2.51 -7.48
C GLY A 15 31.35 -1.60 -7.40
N THR A 16 31.75 -0.98 -8.52
CA THR A 16 32.90 -0.07 -8.50
C THR A 16 32.52 1.41 -8.66
N LYS A 17 31.23 1.68 -8.81
CA LYS A 17 30.77 3.08 -8.95
C LYS A 17 29.54 3.35 -8.13
N GLY A 18 29.26 4.64 -7.92
CA GLY A 18 28.06 5.09 -7.22
C GLY A 18 27.82 4.33 -5.93
N LEU A 19 26.55 4.02 -5.69
CA LEU A 19 26.12 3.33 -4.48
C LEU A 19 26.92 2.05 -4.24
N GLY A 20 27.03 1.22 -5.29
CA GLY A 20 27.79 -0.04 -5.24
C GLY A 20 29.17 0.08 -4.65
N LYS A 21 29.83 1.22 -4.89
CA LYS A 21 31.19 1.46 -4.40
C LYS A 21 31.23 1.42 -2.86
N GLN A 22 30.28 2.11 -2.24
CA GLN A 22 30.19 2.14 -0.78
C GLN A 22 29.78 0.78 -0.24
N VAL A 23 28.91 0.09 -0.97
CA VAL A 23 28.45 -1.21 -0.55
C VAL A 23 29.62 -2.16 -0.54
N THR A 24 30.37 -2.22 -1.65
CA THR A 24 31.61 -3.00 -1.70
C THR A 24 32.58 -2.62 -0.60
N GLU A 25 32.75 -1.33 -0.35
CA GLU A 25 33.72 -0.90 0.68
C GLU A 25 33.28 -1.36 2.06
N LYS A 26 31.97 -1.36 2.31
CA LYS A 26 31.41 -1.80 3.59
C LYS A 26 31.65 -3.29 3.85
N LEU A 27 31.33 -4.12 2.86
CA LEU A 27 31.44 -5.58 2.99
C LEU A 27 32.89 -6.03 3.13
N LEU A 28 33.80 -5.34 2.45
CA LEU A 28 35.25 -5.58 2.61
C LEU A 28 35.72 -5.25 4.01
N ALA A 29 35.26 -4.11 4.51
CA ALA A 29 35.52 -3.67 5.90
C ALA A 29 34.95 -4.61 6.96
N LYS A 30 33.80 -5.23 6.70
CA LYS A 30 33.25 -6.24 7.61
C LYS A 30 33.94 -7.60 7.49
N GLY A 31 34.94 -7.70 6.62
CA GLY A 31 35.73 -8.93 6.48
C GLY A 31 35.31 -9.88 5.37
N TYR A 32 34.28 -9.51 4.62
CA TYR A 32 33.71 -10.37 3.59
C TYR A 32 34.55 -10.40 2.31
N SER A 33 34.45 -11.52 1.58
CA SER A 33 34.95 -11.58 0.20
C SER A 33 33.85 -11.11 -0.78
N VAL A 34 34.27 -10.50 -1.88
CA VAL A 34 33.35 -9.89 -2.84
C VAL A 34 33.77 -10.13 -4.29
N THR A 35 32.80 -10.52 -5.11
CA THR A 35 32.95 -10.47 -6.56
C THR A 35 32.16 -9.26 -7.02
N VAL A 36 32.86 -8.32 -7.67
CA VAL A 36 32.21 -7.11 -8.16
C VAL A 36 32.21 -7.10 -9.70
N THR A 37 31.11 -6.64 -10.29
CA THR A 37 31.02 -6.54 -11.73
C THR A 37 31.23 -5.12 -12.15
N TYR A 38 31.77 -4.95 -13.35
CA TYR A 38 31.89 -3.64 -13.97
C TYR A 38 31.58 -3.79 -15.47
N HIS A 39 30.79 -2.87 -15.98
CA HIS A 39 30.49 -2.81 -17.40
C HIS A 39 31.69 -2.27 -18.17
N SER A 40 31.73 -0.95 -18.33
CA SER A 40 32.69 -0.32 -19.20
C SER A 40 33.90 0.30 -18.48
N ASP A 41 33.62 1.08 -17.45
CA ASP A 41 34.64 1.92 -16.79
C ASP A 41 35.79 1.13 -16.17
N THR A 42 36.80 0.83 -16.98
CA THR A 42 37.97 0.13 -16.47
C THR A 42 38.71 0.96 -15.43
N THR A 43 38.74 2.29 -15.62
CA THR A 43 39.40 3.22 -14.67
C THR A 43 38.88 3.10 -13.23
N ALA A 44 37.56 2.94 -13.10
CA ALA A 44 36.94 2.78 -11.79
C ALA A 44 37.50 1.55 -11.06
N MET A 45 37.44 0.40 -11.73
CA MET A 45 37.92 -0.86 -11.14
C MET A 45 39.42 -0.86 -10.89
N GLU A 46 40.15 -0.01 -11.63
CA GLU A 46 41.59 0.12 -11.50
C GLU A 46 42.00 0.81 -10.21
N THR A 47 41.26 1.85 -9.84
CA THR A 47 41.54 2.59 -8.61
C THR A 47 41.01 1.87 -7.37
N MET A 48 40.06 0.94 -7.57
CA MET A 48 39.60 0.05 -6.51
C MET A 48 40.52 -1.17 -6.41
N LYS A 49 41.14 -1.54 -7.54
CA LYS A 49 42.21 -2.53 -7.55
C LYS A 49 43.34 -2.14 -6.62
N GLU A 50 43.88 -0.94 -6.82
CA GLU A 50 45.06 -0.48 -6.09
C GLU A 50 44.77 -0.17 -4.62
N THR A 51 43.65 0.52 -4.36
CA THR A 51 43.19 0.77 -2.98
C THR A 51 43.24 -0.51 -2.14
N TYR A 52 42.79 -1.62 -2.72
CA TYR A 52 42.63 -2.88 -1.99
C TYR A 52 43.64 -3.97 -2.34
N LYS A 53 44.80 -3.57 -2.88
CA LYS A 53 45.89 -4.52 -3.18
C LYS A 53 46.23 -5.42 -1.98
N ASP A 54 46.27 -4.83 -0.78
CA ASP A 54 46.56 -5.56 0.47
C ASP A 54 45.60 -6.73 0.72
N VAL A 55 44.31 -6.51 0.44
CA VAL A 55 43.29 -7.55 0.55
C VAL A 55 42.92 -8.17 -0.81
N GLU A 56 43.89 -8.23 -1.73
CA GLU A 56 43.70 -8.82 -3.07
C GLU A 56 42.95 -10.16 -3.07
N GLU A 57 43.29 -11.03 -2.12
CA GLU A 57 42.71 -12.37 -2.03
C GLU A 57 41.18 -12.36 -1.86
N ARG A 58 40.67 -11.37 -1.14
CA ARG A 58 39.22 -11.27 -0.84
C ARG A 58 38.35 -10.60 -1.93
N LEU A 59 38.99 -10.07 -2.97
CA LEU A 59 38.30 -9.22 -3.93
C LEU A 59 38.56 -9.63 -5.38
N GLN A 60 37.52 -9.57 -6.20
CA GLN A 60 37.56 -10.06 -7.58
C GLN A 60 36.66 -9.24 -8.51
N PHE A 61 37.28 -8.66 -9.53
CA PHE A 61 36.57 -7.87 -10.54
C PHE A 61 36.20 -8.73 -11.74
N VAL A 62 34.95 -8.63 -12.18
CA VAL A 62 34.51 -9.35 -13.37
C VAL A 62 33.77 -8.39 -14.30
N GLN A 63 34.24 -8.28 -15.53
CA GLN A 63 33.57 -7.48 -16.56
C GLN A 63 32.26 -8.14 -16.99
N ALA A 64 31.17 -7.38 -17.00
CA ALA A 64 29.86 -7.90 -17.39
C ALA A 64 28.86 -6.83 -17.76
N ASP A 65 28.17 -7.04 -18.86
CA ASP A 65 26.97 -6.29 -19.16
C ASP A 65 25.83 -7.09 -18.50
N VAL A 66 25.30 -6.57 -17.40
CA VAL A 66 24.33 -7.33 -16.58
C VAL A 66 22.92 -7.39 -17.17
N THR A 67 22.75 -6.87 -18.37
CA THR A 67 21.51 -6.93 -19.12
C THR A 67 21.52 -8.12 -20.09
N LYS A 68 22.69 -8.77 -20.21
CA LYS A 68 22.90 -9.92 -21.09
C LYS A 68 22.92 -11.21 -20.30
N LYS A 69 22.08 -12.16 -20.71
CA LYS A 69 21.96 -13.44 -20.01
C LYS A 69 23.32 -14.12 -19.90
N GLU A 70 24.06 -14.13 -21.01
CA GLU A 70 25.36 -14.79 -21.10
C GLU A 70 26.37 -14.23 -20.11
N ASP A 71 26.39 -12.91 -19.95
CA ASP A 71 27.27 -12.28 -18.97
C ASP A 71 26.85 -12.55 -17.50
N LEU A 72 25.55 -12.72 -17.27
CA LEU A 72 25.06 -13.08 -15.94
C LEU A 72 25.53 -14.47 -15.53
N HIS A 73 25.50 -15.40 -16.48
CA HIS A 73 26.05 -16.74 -16.23
CA HIS A 73 26.05 -16.74 -16.27
C HIS A 73 27.54 -16.68 -15.96
N LYS A 74 28.25 -15.74 -16.59
CA LYS A 74 29.69 -15.68 -16.47
C LYS A 74 30.16 -15.23 -15.09
N ILE A 75 29.49 -14.21 -14.55
CA ILE A 75 29.80 -13.73 -13.20
C ILE A 75 29.54 -14.79 -12.13
N VAL A 76 28.42 -15.51 -12.24
CA VAL A 76 28.11 -16.58 -11.28
C VAL A 76 29.15 -17.68 -11.37
N GLU A 77 29.44 -18.10 -12.59
CA GLU A 77 30.45 -19.13 -12.83
C GLU A 77 31.84 -18.70 -12.34
N GLU A 78 32.14 -17.40 -12.40
CA GLU A 78 33.45 -16.94 -11.94
C GLU A 78 33.55 -16.80 -10.41
N ALA A 79 32.48 -16.33 -9.77
CA ALA A 79 32.41 -16.32 -8.31
C ALA A 79 32.49 -17.74 -7.72
N MET A 80 31.71 -18.66 -8.29
CA MET A 80 31.75 -20.06 -7.87
C MET A 80 33.11 -20.67 -8.09
N SER A 81 33.79 -20.24 -9.15
CA SER A 81 35.14 -20.70 -9.48
C SER A 81 36.15 -20.37 -8.40
N HIS A 82 36.24 -19.09 -8.06
CA HIS A 82 37.24 -18.59 -7.12
C HIS A 82 36.89 -18.80 -5.65
N PHE A 83 35.61 -18.69 -5.31
CA PHE A 83 35.23 -18.73 -3.89
C PHE A 83 34.36 -19.91 -3.50
N GLY A 84 33.82 -20.63 -4.48
CA GLY A 84 33.00 -21.80 -4.20
C GLY A 84 31.60 -21.52 -3.65
N LYS A 85 31.30 -20.26 -3.36
CA LYS A 85 29.97 -19.90 -2.81
C LYS A 85 29.47 -18.49 -3.16
N ILE A 86 28.16 -18.32 -3.13
CA ILE A 86 27.55 -16.99 -3.16
C ILE A 86 26.62 -16.91 -1.96
N ASP A 87 27.01 -16.10 -0.98
CA ASP A 87 26.24 -15.96 0.25
C ASP A 87 25.29 -14.77 0.20
N PHE A 88 25.77 -13.64 -0.32
CA PHE A 88 24.93 -12.44 -0.54
C PHE A 88 24.86 -12.05 -2.01
N LEU A 89 23.66 -11.83 -2.52
CA LEU A 89 23.47 -11.28 -3.86
C LEU A 89 22.91 -9.88 -3.72
N ILE A 90 23.67 -8.90 -4.21
CA ILE A 90 23.31 -7.49 -4.09
C ILE A 90 23.18 -6.92 -5.48
N ASN A 91 21.91 -6.74 -5.88
CA ASN A 91 21.54 -6.31 -7.22
C ASN A 91 21.59 -4.80 -7.34
N ASN A 92 22.81 -4.29 -7.25
CA ASN A 92 23.07 -2.86 -7.20
C ASN A 92 22.91 -2.21 -8.58
N ALA A 93 23.15 -2.96 -9.65
CA ALA A 93 23.01 -2.43 -11.01
C ALA A 93 21.55 -2.16 -11.38
N GLY A 94 21.37 -1.36 -12.42
CA GLY A 94 20.02 -1.01 -12.86
C GLY A 94 20.03 0.27 -13.65
N PRO A 95 19.85 0.15 -14.97
CA PRO A 95 19.68 1.26 -15.91
C PRO A 95 18.67 2.30 -15.42
N TYR A 96 18.92 3.56 -15.74
CA TYR A 96 18.02 4.66 -15.36
C TYR A 96 17.99 5.69 -16.48
N VAL A 97 16.78 6.00 -16.95
CA VAL A 97 16.61 7.00 -17.99
C VAL A 97 16.52 8.37 -17.31
N PHE A 98 17.59 9.14 -17.43
CA PHE A 98 17.66 10.47 -16.82
C PHE A 98 16.72 11.50 -17.45
N GLU A 99 16.44 11.40 -18.76
CA GLU A 99 15.47 12.30 -19.41
C GLU A 99 14.08 12.12 -18.83
N ARG A 100 13.42 13.25 -18.56
CA ARG A 100 12.03 13.25 -18.09
C ARG A 100 11.13 13.33 -19.31
N LYS A 101 10.38 12.26 -19.54
CA LYS A 101 9.47 12.16 -20.68
C LYS A 101 8.29 11.24 -20.38
N LYS A 102 7.13 11.62 -20.91
CA LYS A 102 5.92 10.82 -20.75
C LYS A 102 6.10 9.47 -21.43
N LEU A 103 5.41 8.46 -20.91
CA LEU A 103 5.46 7.10 -21.46
C LEU A 103 5.16 7.05 -22.96
N VAL A 104 4.18 7.83 -23.40
CA VAL A 104 3.78 7.85 -24.80
C VAL A 104 4.93 8.35 -25.70
N ASP A 105 5.99 8.86 -25.08
CA ASP A 105 7.11 9.37 -25.84
C ASP A 105 8.30 8.43 -25.81
N TYR A 106 8.20 7.35 -25.03
CA TYR A 106 9.27 6.37 -24.92
C TYR A 106 9.48 5.58 -26.21
N GLU A 107 10.74 5.51 -26.65
CA GLU A 107 11.12 4.60 -27.72
C GLU A 107 11.08 3.17 -27.18
N GLU A 108 10.80 2.22 -28.06
CA GLU A 108 10.67 0.82 -27.68
C GLU A 108 11.94 0.31 -27.02
N ASP A 109 13.09 0.77 -27.52
CA ASP A 109 14.40 0.39 -26.98
C ASP A 109 14.55 0.86 -25.55
N GLU A 110 14.08 2.07 -25.25
CA GLU A 110 14.12 2.63 -23.89
C GLU A 110 13.29 1.77 -22.93
N TRP A 111 12.03 1.53 -23.29
CA TRP A 111 11.15 0.69 -22.49
C TRP A 111 11.78 -0.67 -22.19
N ASN A 112 12.33 -1.31 -23.22
CA ASN A 112 12.94 -2.62 -23.07
C ASN A 112 14.21 -2.61 -22.21
N GLU A 113 15.01 -1.56 -22.27
CA GLU A 113 16.20 -1.48 -21.42
C GLU A 113 15.81 -1.44 -19.94
N MET A 114 14.79 -0.63 -19.63
CA MET A 114 14.27 -0.50 -18.27
C MET A 114 13.74 -1.82 -17.72
N ILE A 115 12.91 -2.50 -18.49
CA ILE A 115 12.33 -3.75 -18.04
C ILE A 115 13.43 -4.81 -17.91
N GLN A 116 14.20 -4.98 -18.98
CA GLN A 116 15.23 -6.01 -19.03
C GLN A 116 16.30 -5.77 -17.96
N GLY A 117 16.70 -4.52 -17.75
CA GLY A 117 17.79 -4.22 -16.83
C GLY A 117 17.43 -4.24 -15.35
N ASN A 118 16.18 -3.89 -15.03
CA ASN A 118 15.73 -3.74 -13.65
C ASN A 118 14.84 -4.86 -13.13
N LEU A 119 14.22 -5.62 -14.04
CA LEU A 119 13.32 -6.69 -13.63
C LEU A 119 13.79 -8.04 -14.14
N THR A 120 13.77 -8.22 -15.46
CA THR A 120 14.20 -9.47 -16.07
C THR A 120 15.64 -9.88 -15.68
N ALA A 121 16.55 -8.92 -15.54
CA ALA A 121 17.94 -9.29 -15.18
C ALA A 121 18.03 -9.92 -13.81
N VAL A 122 17.21 -9.43 -12.87
CA VAL A 122 17.11 -10.03 -11.55
C VAL A 122 16.59 -11.46 -11.61
N PHE A 123 15.53 -11.68 -12.38
CA PHE A 123 15.00 -13.02 -12.56
C PHE A 123 16.12 -13.94 -13.07
N HIS A 124 16.90 -13.45 -14.04
CA HIS A 124 18.01 -14.24 -14.60
C HIS A 124 19.09 -14.55 -13.57
N LEU A 125 19.41 -13.60 -12.70
CA LEU A 125 20.37 -13.83 -11.63
C LEU A 125 19.87 -14.78 -10.56
N LEU A 126 18.62 -14.59 -10.16
CA LEU A 126 17.97 -15.45 -9.19
C LEU A 126 17.99 -16.89 -9.68
N LYS A 127 17.55 -17.07 -10.92
CA LYS A 127 17.56 -18.35 -11.62
C LYS A 127 18.92 -19.09 -11.48
N LEU A 128 20.03 -18.34 -11.51
CA LEU A 128 21.38 -18.93 -11.34
C LEU A 128 21.82 -19.08 -9.89
N VAL A 129 21.57 -18.05 -9.09
CA VAL A 129 22.16 -17.95 -7.75
C VAL A 129 21.34 -18.67 -6.68
N VAL A 130 20.02 -18.69 -6.83
CA VAL A 130 19.14 -19.31 -5.84
C VAL A 130 19.39 -20.82 -5.67
N PRO A 131 19.61 -21.58 -6.77
CA PRO A 131 19.95 -23.00 -6.59
C PRO A 131 21.18 -23.18 -5.70
N VAL A 132 22.18 -22.31 -5.85
CA VAL A 132 23.39 -22.41 -5.04
C VAL A 132 23.09 -22.09 -3.56
N MET A 133 22.22 -21.11 -3.33
CA MET A 133 21.87 -20.72 -1.97
C MET A 133 21.12 -21.84 -1.26
N ARG A 134 20.23 -22.53 -1.98
CA ARG A 134 19.49 -23.68 -1.43
C ARG A 134 20.47 -24.73 -0.93
N LYS A 135 21.44 -25.07 -1.78
CA LYS A 135 22.50 -26.01 -1.42
C LYS A 135 23.22 -25.61 -0.14
N GLN A 136 23.55 -24.32 -0.04
CA GLN A 136 24.23 -23.72 1.11
C GLN A 136 23.35 -23.65 2.37
N ASN A 137 22.03 -23.75 2.18
CA ASN A 137 21.06 -23.45 3.23
C ASN A 137 21.31 -22.07 3.83
N PHE A 138 21.58 -21.10 2.97
CA PHE A 138 21.87 -19.75 3.37
C PHE A 138 21.85 -18.81 2.18
N GLY A 139 21.07 -17.74 2.27
CA GLY A 139 21.06 -16.72 1.24
C GLY A 139 20.56 -15.38 1.72
N ARG A 140 21.16 -14.34 1.16
CA ARG A 140 20.71 -12.97 1.36
C ARG A 140 20.61 -12.28 0.01
N ILE A 141 19.38 -11.95 -0.39
CA ILE A 141 19.14 -11.28 -1.66
C ILE A 141 18.76 -9.85 -1.36
N ILE A 142 19.48 -8.91 -1.97
CA ILE A 142 19.15 -7.50 -1.83
C ILE A 142 18.84 -6.89 -3.19
N ASN A 143 17.65 -6.32 -3.29
CA ASN A 143 17.22 -5.55 -4.45
C ASN A 143 17.04 -4.07 -4.11
N TYR A 144 16.99 -3.23 -5.13
CA TYR A 144 16.89 -1.79 -4.93
C TYR A 144 15.55 -1.34 -5.49
N GLY A 145 14.87 -0.46 -4.76
CA GLY A 145 13.70 0.21 -5.24
C GLY A 145 13.92 1.71 -5.19
N PHE A 146 12.89 2.43 -4.81
CA PHE A 146 12.92 3.88 -4.77
C PHE A 146 11.85 4.30 -3.78
N GLN A 147 11.96 5.53 -3.29
CA GLN A 147 11.11 6.00 -2.20
C GLN A 147 9.63 5.92 -2.52
N GLY A 148 8.88 5.25 -1.64
CA GLY A 148 7.45 5.08 -1.80
C GLY A 148 7.04 3.88 -2.64
N ALA A 149 8.04 3.17 -3.18
CA ALA A 149 7.80 1.99 -4.04
C ALA A 149 6.84 0.96 -3.46
N ASP A 150 6.83 0.83 -2.15
CA ASP A 150 6.04 -0.22 -1.51
C ASP A 150 4.53 -0.02 -1.71
N SER A 151 4.11 1.18 -2.06
CA SER A 151 2.70 1.41 -2.28
C SER A 151 2.32 1.37 -3.79
N ALA A 152 3.23 0.85 -4.63
CA ALA A 152 3.04 0.79 -6.09
C ALA A 152 2.55 2.12 -6.71
N PRO A 153 3.31 3.21 -6.52
CA PRO A 153 2.90 4.52 -7.01
C PRO A 153 3.19 4.72 -8.50
N GLY A 154 2.46 5.65 -9.10
CA GLY A 154 2.86 6.22 -10.37
C GLY A 154 4.04 7.13 -10.13
N TRP A 155 4.80 7.42 -11.18
CA TRP A 155 5.88 8.39 -11.11
C TRP A 155 5.96 9.04 -12.47
N ILE A 156 5.36 10.22 -12.54
CA ILE A 156 5.32 11.04 -13.74
C ILE A 156 6.74 11.27 -14.27
N TYR A 157 6.90 11.06 -15.56
CA TYR A 157 8.20 11.12 -16.30
C TYR A 157 9.16 9.96 -16.04
N ARG A 158 8.71 8.98 -15.24
CA ARG A 158 9.52 7.81 -14.88
C ARG A 158 8.75 6.50 -15.03
N SER A 159 7.74 6.50 -15.90
CA SER A 159 6.85 5.34 -16.04
C SER A 159 7.59 3.99 -16.14
N ALA A 160 8.50 3.85 -17.10
CA ALA A 160 9.21 2.58 -17.27
C ALA A 160 10.04 2.18 -16.05
N PHE A 161 10.78 3.12 -15.46
CA PHE A 161 11.54 2.81 -14.24
C PHE A 161 10.63 2.47 -13.04
N ALA A 162 9.58 3.25 -12.82
CA ALA A 162 8.66 2.97 -11.71
C ALA A 162 8.02 1.60 -11.88
N ALA A 163 7.48 1.34 -13.07
CA ALA A 163 6.85 0.04 -13.33
C ALA A 163 7.81 -1.13 -13.06
N ALA A 164 9.04 -1.05 -13.58
CA ALA A 164 10.00 -2.14 -13.41
C ALA A 164 10.40 -2.35 -11.95
N LYS A 165 10.61 -1.28 -11.20
CA LYS A 165 10.98 -1.42 -9.78
C LYS A 165 9.81 -1.80 -8.88
N VAL A 166 8.59 -1.47 -9.30
CA VAL A 166 7.40 -1.83 -8.52
C VAL A 166 7.06 -3.31 -8.73
N GLY A 167 7.20 -3.79 -9.96
CA GLY A 167 7.16 -5.22 -10.22
C GLY A 167 8.24 -5.95 -9.43
N LEU A 168 9.39 -5.32 -9.26
CA LEU A 168 10.48 -5.89 -8.48
C LEU A 168 10.15 -5.97 -6.99
N VAL A 169 9.34 -5.02 -6.50
CA VAL A 169 8.87 -5.07 -5.11
C VAL A 169 8.11 -6.38 -4.84
N SER A 170 7.24 -6.73 -5.78
CA SER A 170 6.39 -7.90 -5.66
C SER A 170 7.21 -9.18 -5.81
N LEU A 171 8.12 -9.15 -6.78
CA LEU A 171 9.04 -10.24 -7.05
C LEU A 171 9.88 -10.56 -5.81
N THR A 172 10.39 -9.51 -5.17
CA THR A 172 11.22 -9.63 -3.96
C THR A 172 10.46 -10.34 -2.85
N LYS A 173 9.19 -9.95 -2.64
CA LYS A 173 8.34 -10.58 -1.64
C LYS A 173 8.02 -12.03 -2.01
N THR A 174 7.72 -12.27 -3.29
CA THR A 174 7.38 -13.62 -3.74
C THR A 174 8.56 -14.56 -3.48
N VAL A 175 9.75 -14.16 -3.93
CA VAL A 175 10.98 -14.91 -3.70
C VAL A 175 11.24 -15.14 -2.21
N ALA A 176 11.00 -14.12 -1.39
CA ALA A 176 11.01 -14.30 0.06
C ALA A 176 10.09 -15.42 0.58
N TYR A 177 8.86 -15.51 0.07
CA TYR A 177 7.93 -16.57 0.56
C TYR A 177 8.37 -17.93 0.06
N GLU A 178 8.86 -17.98 -1.18
CA GLU A 178 9.18 -19.22 -1.84
C GLU A 178 10.47 -19.83 -1.30
N GLU A 179 11.35 -19.00 -0.75
CA GLU A 179 12.68 -19.51 -0.40
C GLU A 179 13.00 -19.46 1.09
N ALA A 180 12.00 -19.13 1.91
CA ALA A 180 12.19 -19.03 3.36
C ALA A 180 12.62 -20.37 3.98
N GLU A 181 12.10 -21.47 3.44
CA GLU A 181 12.44 -22.83 3.90
C GLU A 181 13.93 -23.16 3.77
N TYR A 182 14.61 -22.47 2.86
CA TYR A 182 15.99 -22.79 2.56
C TYR A 182 17.00 -21.94 3.33
N GLY A 183 16.50 -21.07 4.21
CA GLY A 183 17.37 -20.13 4.93
C GLY A 183 17.78 -18.96 4.07
N ILE A 184 16.89 -18.55 3.16
CA ILE A 184 17.13 -17.45 2.22
C ILE A 184 16.14 -16.30 2.43
N THR A 185 16.69 -15.11 2.67
CA THR A 185 15.88 -13.90 2.77
C THR A 185 16.01 -13.06 1.51
N ALA A 186 14.96 -12.31 1.22
CA ALA A 186 14.99 -11.37 0.10
C ALA A 186 14.36 -10.09 0.58
N ASN A 187 15.12 -9.00 0.48
CA ASN A 187 14.67 -7.70 0.91
C ASN A 187 15.01 -6.61 -0.09
N MET A 188 14.37 -5.46 0.08
CA MET A 188 14.61 -4.29 -0.75
C MET A 188 15.05 -3.07 0.07
N VAL A 189 16.07 -2.38 -0.41
CA VAL A 189 16.49 -1.09 0.13
C VAL A 189 16.13 0.01 -0.88
N CYS A 190 15.48 1.05 -0.40
CA CYS A 190 15.09 2.17 -1.24
C CYS A 190 15.92 3.43 -0.97
N PRO A 191 16.92 3.69 -1.83
CA PRO A 191 17.65 4.91 -1.63
C PRO A 191 16.82 6.13 -1.99
N GLY A 192 17.12 7.26 -1.37
CA GLY A 192 16.56 8.54 -1.76
C GLY A 192 17.37 9.08 -2.92
N ASP A 193 17.04 10.31 -3.34
CA ASP A 193 17.68 10.93 -4.48
C ASP A 193 19.05 11.51 -4.08
N ILE A 194 19.97 10.60 -3.75
CA ILE A 194 21.36 10.91 -3.46
C ILE A 194 22.01 11.25 -4.79
N ILE A 195 22.41 12.50 -4.96
CA ILE A 195 22.84 12.97 -6.27
C ILE A 195 24.36 13.16 -6.37
N GLY A 196 24.99 12.30 -7.19
CA GLY A 196 26.36 12.52 -7.64
C GLY A 196 27.46 11.93 -6.79
N GLU A 197 28.28 12.81 -6.22
CA GLU A 197 29.44 12.44 -5.41
C GLU A 197 29.04 11.88 -4.04
N MET A 198 27.84 12.24 -3.59
CA MET A 198 27.30 11.72 -2.34
C MET A 198 27.03 10.22 -2.40
N LYS A 199 26.81 9.69 -3.60
CA LYS A 199 26.61 8.25 -3.82
C LYS A 199 27.80 7.41 -3.38
N GLU A 200 29.01 7.95 -3.53
CA GLU A 200 30.19 7.25 -3.05
C GLU A 200 30.88 7.90 -1.84
N ALA A 201 30.23 8.92 -1.27
CA ALA A 201 30.71 9.54 -0.05
C ALA A 201 30.32 8.69 1.16
N THR A 202 31.04 8.88 2.26
CA THR A 202 30.70 8.29 3.54
C THR A 202 29.82 9.25 4.34
N ILE A 203 29.30 8.77 5.47
CA ILE A 203 28.51 9.57 6.38
C ILE A 203 29.35 10.69 6.99
N GLN A 204 30.57 10.37 7.39
CA GLN A 204 31.50 11.35 7.95
C GLN A 204 31.70 12.51 6.96
N GLU A 205 31.92 12.15 5.69
CA GLU A 205 32.03 13.15 4.63
C GLU A 205 30.77 14.00 4.45
N ALA A 206 29.59 13.45 4.71
CA ALA A 206 28.37 14.25 4.67
C ALA A 206 28.24 15.19 5.88
N ARG A 207 28.75 14.74 7.02
CA ARG A 207 28.68 15.52 8.26
C ARG A 207 29.64 16.70 8.25
N GLN A 208 30.74 16.56 7.52
CA GLN A 208 31.69 17.66 7.31
C GLN A 208 31.05 18.76 6.47
N LEU A 209 30.35 18.36 5.41
CA LEU A 209 29.44 19.23 4.66
C LEU A 209 28.19 19.54 5.48
N ARG A 218 21.59 16.91 6.78
CA ARG A 218 22.72 16.39 6.00
C ARG A 218 22.26 15.53 4.84
N SER A 219 23.13 15.37 3.85
CA SER A 219 22.79 14.57 2.68
C SER A 219 22.86 13.07 3.02
N GLY A 220 22.05 12.29 2.30
CA GLY A 220 22.18 10.84 2.26
C GLY A 220 23.43 10.46 1.48
N THR A 221 23.93 9.24 1.71
CA THR A 221 25.17 8.77 1.09
C THR A 221 25.08 7.29 0.76
N GLY A 222 26.09 6.79 0.04
CA GLY A 222 26.21 5.35 -0.19
C GLY A 222 26.33 4.57 1.11
N GLU A 223 27.04 5.12 2.09
CA GLU A 223 27.19 4.44 3.38
C GLU A 223 25.86 4.17 4.09
N ASP A 224 24.96 5.15 4.09
CA ASP A 224 23.63 4.94 4.68
C ASP A 224 22.96 3.70 4.07
N ILE A 225 23.13 3.52 2.77
CA ILE A 225 22.62 2.36 2.06
C ILE A 225 23.41 1.11 2.43
N ALA A 226 24.73 1.27 2.46
CA ALA A 226 25.63 0.15 2.64
C ALA A 226 25.44 -0.45 4.03
N ARG A 227 25.31 0.40 5.03
CA ARG A 227 25.16 -0.12 6.40
C ARG A 227 23.80 -0.79 6.63
N THR A 228 22.76 -0.36 5.91
CA THR A 228 21.48 -1.06 5.88
C THR A 228 21.63 -2.45 5.26
N ILE A 229 22.30 -2.53 4.12
CA ILE A 229 22.57 -3.80 3.46
C ILE A 229 23.34 -4.78 4.37
N SER A 230 24.38 -4.29 5.04
CA SER A 230 25.18 -5.17 5.89
C SER A 230 24.47 -5.57 7.20
N PHE A 231 23.55 -4.74 7.69
CA PHE A 231 22.66 -5.22 8.75
C PHE A 231 21.82 -6.42 8.25
N LEU A 232 21.31 -6.33 7.02
CA LEU A 232 20.44 -7.35 6.44
C LEU A 232 21.16 -8.65 6.09
N CYS A 233 22.45 -8.53 5.79
CA CYS A 233 23.26 -9.70 5.43
C CYS A 233 23.78 -10.48 6.63
N GLU A 234 23.64 -9.91 7.82
CA GLU A 234 24.03 -10.58 9.06
C GLU A 234 23.26 -11.89 9.24
N ASP A 235 23.93 -12.86 9.87
CA ASP A 235 23.34 -14.18 10.14
C ASP A 235 22.04 -14.10 10.95
N ASP A 236 22.03 -13.25 11.98
CA ASP A 236 20.91 -13.13 12.89
C ASP A 236 19.76 -12.28 12.32
N SER A 237 19.90 -11.87 11.06
CA SER A 237 18.86 -11.15 10.33
C SER A 237 17.92 -12.09 9.56
N ASP A 238 17.99 -13.38 9.86
CA ASP A 238 17.16 -14.36 9.15
C ASP A 238 15.64 -14.23 9.30
N MET A 239 15.15 -13.49 10.29
CA MET A 239 13.71 -13.26 10.34
C MET A 239 13.23 -12.02 9.56
N ILE A 240 14.16 -11.21 9.07
CA ILE A 240 13.81 -10.06 8.26
C ILE A 240 13.78 -10.45 6.78
N THR A 241 12.58 -10.55 6.23
CA THR A 241 12.45 -10.93 4.84
C THR A 241 11.14 -10.42 4.24
N GLY A 242 11.16 -10.09 2.96
CA GLY A 242 10.04 -9.47 2.28
C GLY A 242 9.81 -8.02 2.68
N THR A 243 10.83 -7.35 3.22
CA THR A 243 10.63 -5.98 3.68
C THR A 243 11.32 -4.95 2.80
N ILE A 244 10.66 -3.81 2.66
CA ILE A 244 11.17 -2.71 1.84
C ILE A 244 11.60 -1.62 2.81
N ILE A 245 12.91 -1.46 2.98
CA ILE A 245 13.45 -0.50 3.94
C ILE A 245 13.83 0.78 3.23
N GLU A 246 13.20 1.88 3.62
CA GLU A 246 13.51 3.18 3.05
C GLU A 246 14.62 3.91 3.81
N VAL A 247 15.64 4.32 3.08
CA VAL A 247 16.77 5.06 3.61
C VAL A 247 16.80 6.38 2.86
N THR A 248 15.84 7.25 3.18
CA THR A 248 15.64 8.49 2.44
C THR A 248 15.93 9.73 3.28
N GLY A 249 15.60 9.65 4.56
CA GLY A 249 15.66 10.81 5.46
C GLY A 249 14.43 11.70 5.37
N ALA A 250 13.28 11.13 5.01
CA ALA A 250 11.99 11.85 5.00
C ALA A 250 12.01 13.06 4.07
N VAL A 251 12.16 12.78 2.78
CA VAL A 251 12.41 13.82 1.79
C VAL A 251 11.79 13.38 0.47
N ASP A 252 10.63 13.93 0.15
CA ASP A 252 9.89 13.52 -1.03
C ASP A 252 10.67 13.67 -2.34
N VAL A 253 10.66 12.60 -3.15
CA VAL A 253 11.36 12.56 -4.44
C VAL A 253 10.37 12.52 -5.60
N ILE A 254 9.32 11.73 -5.45
CA ILE A 254 8.43 11.34 -6.56
C ILE A 254 7.14 12.19 -6.75
N HIS A 255 7.05 13.32 -6.04
CA HIS A 255 5.91 14.25 -6.20
C HIS A 255 6.35 15.71 -6.40
N PHE B 6 -41.30 -0.36 -0.19
CA PHE B 6 -40.14 -1.15 -0.79
C PHE B 6 -39.12 -0.25 -1.51
N VAL B 7 -39.09 1.02 -1.12
CA VAL B 7 -38.09 2.00 -1.57
C VAL B 7 -36.91 1.98 -0.59
N ARG B 8 -35.69 1.99 -1.11
CA ARG B 8 -34.50 1.86 -0.28
C ARG B 8 -34.24 3.13 0.52
N HIS B 9 -33.83 2.97 1.77
CA HIS B 9 -33.64 4.13 2.61
C HIS B 9 -32.16 4.43 2.93
N ALA B 10 -31.74 5.68 2.70
CA ALA B 10 -30.41 6.10 3.06
C ALA B 10 -30.35 6.99 4.32
N LEU B 11 -29.29 6.79 5.12
CA LEU B 11 -28.97 7.65 6.24
C LEU B 11 -27.63 8.31 5.97
N ILE B 12 -27.66 9.65 5.96
CA ILE B 12 -26.50 10.44 5.58
C ILE B 12 -26.19 11.53 6.58
N THR B 13 -25.02 11.41 7.19
CA THR B 13 -24.56 12.41 8.14
C THR B 13 -24.12 13.70 7.44
N ALA B 14 -24.59 14.85 7.96
CA ALA B 14 -24.21 16.16 7.43
C ALA B 14 -24.56 16.30 5.95
N GLY B 15 -25.84 16.14 5.64
CA GLY B 15 -26.25 16.12 4.24
C GLY B 15 -26.99 17.32 3.67
N THR B 16 -26.97 18.45 4.39
CA THR B 16 -27.61 19.70 3.91
C THR B 16 -26.59 20.71 3.37
N LYS B 17 -25.30 20.38 3.46
CA LYS B 17 -24.24 21.28 3.01
C LYS B 17 -23.13 20.53 2.30
N GLY B 18 -22.39 21.23 1.45
CA GLY B 18 -21.13 20.71 0.87
C GLY B 18 -21.34 19.44 0.09
N LEU B 19 -20.35 18.56 0.12
CA LEU B 19 -20.49 17.29 -0.58
C LEU B 19 -21.81 16.60 -0.21
N GLY B 20 -22.16 16.63 1.08
CA GLY B 20 -23.34 15.94 1.60
C GLY B 20 -24.61 16.28 0.84
N LYS B 21 -24.77 17.58 0.57
CA LYS B 21 -25.91 18.08 -0.19
C LYS B 21 -26.06 17.43 -1.56
N GLN B 22 -24.95 17.27 -2.28
CA GLN B 22 -25.01 16.67 -3.60
C GLN B 22 -25.36 15.20 -3.50
N VAL B 23 -24.77 14.49 -2.55
CA VAL B 23 -25.11 13.11 -2.38
C VAL B 23 -26.60 12.98 -2.08
N THR B 24 -27.11 13.81 -1.18
CA THR B 24 -28.52 13.78 -0.83
C THR B 24 -29.40 14.00 -2.06
N GLU B 25 -29.12 15.04 -2.85
CA GLU B 25 -29.89 15.29 -4.05
C GLU B 25 -29.86 14.13 -5.04
N LYS B 26 -28.72 13.46 -5.18
CA LYS B 26 -28.59 12.30 -6.08
C LYS B 26 -29.50 11.14 -5.67
N LEU B 27 -29.45 10.77 -4.39
CA LEU B 27 -30.26 9.67 -3.88
C LEU B 27 -31.75 9.95 -4.08
N LEU B 28 -32.18 11.17 -3.80
CA LEU B 28 -33.56 11.57 -4.09
C LEU B 28 -33.92 11.38 -5.56
N ALA B 29 -33.04 11.84 -6.45
CA ALA B 29 -33.22 11.66 -7.89
C ALA B 29 -33.22 10.20 -8.34
N LYS B 30 -32.64 9.32 -7.52
CA LYS B 30 -32.62 7.90 -7.84
C LYS B 30 -33.84 7.13 -7.29
N GLY B 31 -34.77 7.84 -6.66
CA GLY B 31 -36.00 7.26 -6.12
C GLY B 31 -35.96 6.88 -4.65
N TYR B 32 -34.83 7.10 -3.98
CA TYR B 32 -34.68 6.66 -2.60
C TYR B 32 -35.32 7.62 -1.60
N SER B 33 -35.60 7.10 -0.40
CA SER B 33 -35.87 7.96 0.74
C SER B 33 -34.56 8.21 1.53
N VAL B 34 -34.50 9.35 2.20
CA VAL B 34 -33.31 9.77 2.92
C VAL B 34 -33.63 10.42 4.27
N THR B 35 -32.90 9.99 5.30
CA THR B 35 -32.76 10.73 6.54
C THR B 35 -31.42 11.48 6.49
N VAL B 36 -31.50 12.81 6.49
CA VAL B 36 -30.31 13.65 6.54
C VAL B 36 -30.14 14.36 7.90
N THR B 37 -28.91 14.35 8.41
CA THR B 37 -28.59 14.99 9.66
C THR B 37 -27.94 16.34 9.41
N TYR B 38 -28.22 17.29 10.29
CA TYR B 38 -27.58 18.58 10.27
C TYR B 38 -27.16 18.94 11.69
N HIS B 39 -26.01 19.62 11.81
CA HIS B 39 -25.48 20.06 13.09
C HIS B 39 -26.08 21.44 13.46
N SER B 40 -25.32 22.50 13.23
CA SER B 40 -25.74 23.83 13.67
C SER B 40 -26.80 24.46 12.77
N ASP B 41 -26.41 24.79 11.54
CA ASP B 41 -27.20 25.65 10.63
C ASP B 41 -28.60 25.14 10.35
N THR B 42 -29.58 25.99 10.68
CA THR B 42 -30.97 25.64 10.51
C THR B 42 -31.57 26.27 9.25
N THR B 43 -30.96 27.35 8.76
CA THR B 43 -31.41 28.00 7.53
C THR B 43 -31.18 27.09 6.33
N ALA B 44 -30.00 26.46 6.29
CA ALA B 44 -29.64 25.51 5.25
C ALA B 44 -30.63 24.35 5.12
N MET B 45 -31.04 23.77 6.25
CA MET B 45 -31.96 22.65 6.21
C MET B 45 -33.40 23.07 5.87
N GLU B 46 -33.79 24.29 6.23
CA GLU B 46 -35.10 24.85 5.84
C GLU B 46 -35.21 25.10 4.33
N THR B 47 -34.10 25.52 3.73
CA THR B 47 -34.03 25.80 2.29
C THR B 47 -34.13 24.53 1.47
N MET B 48 -33.45 23.49 1.93
CA MET B 48 -33.51 22.17 1.31
C MET B 48 -34.92 21.58 1.47
N LYS B 49 -35.51 21.77 2.64
CA LYS B 49 -36.88 21.31 2.93
C LYS B 49 -37.94 22.04 2.09
N GLU B 50 -37.66 23.30 1.71
CA GLU B 50 -38.48 24.02 0.73
C GLU B 50 -38.34 23.41 -0.66
N THR B 51 -37.09 23.32 -1.12
CA THR B 51 -36.76 22.81 -2.46
C THR B 51 -37.46 21.49 -2.76
N TYR B 52 -37.61 20.65 -1.75
CA TYR B 52 -38.19 19.31 -1.94
C TYR B 52 -39.56 19.07 -1.31
N LYS B 53 -40.38 20.11 -1.22
CA LYS B 53 -41.74 19.98 -0.69
C LYS B 53 -42.52 18.82 -1.32
N ASP B 54 -42.43 18.71 -2.64
CA ASP B 54 -43.18 17.70 -3.39
C ASP B 54 -42.77 16.24 -3.10
N VAL B 55 -41.63 16.05 -2.41
CA VAL B 55 -41.21 14.69 -2.03
C VAL B 55 -40.92 14.58 -0.52
N GLU B 56 -41.69 15.33 0.28
CA GLU B 56 -41.51 15.38 1.74
C GLU B 56 -41.44 14.01 2.41
N GLU B 57 -42.33 13.11 1.99
CA GLU B 57 -42.41 11.73 2.48
C GLU B 57 -41.12 10.90 2.37
N ARG B 58 -40.26 11.22 1.39
CA ARG B 58 -38.99 10.50 1.20
C ARG B 58 -37.77 11.23 1.81
N LEU B 59 -38.01 12.33 2.53
CA LEU B 59 -36.96 13.18 3.07
C LEU B 59 -37.22 13.59 4.53
N GLN B 60 -36.34 13.15 5.42
CA GLN B 60 -36.47 13.42 6.85
C GLN B 60 -35.23 14.11 7.37
N PHE B 61 -35.43 15.22 8.06
CA PHE B 61 -34.34 15.96 8.68
C PHE B 61 -34.27 15.69 10.17
N VAL B 62 -33.06 15.49 10.66
CA VAL B 62 -32.82 15.25 12.08
C VAL B 62 -31.58 16.01 12.53
N GLN B 63 -31.74 16.82 13.58
CA GLN B 63 -30.62 17.58 14.15
C GLN B 63 -29.70 16.63 14.93
N ALA B 64 -28.39 16.75 14.72
CA ALA B 64 -27.44 15.86 15.39
C ALA B 64 -25.98 16.29 15.35
N ASP B 65 -25.34 16.27 16.52
CA ASP B 65 -23.89 16.31 16.56
C ASP B 65 -23.40 14.86 16.47
N VAL B 66 -22.63 14.56 15.42
CA VAL B 66 -22.20 13.19 15.16
C VAL B 66 -21.05 12.70 16.05
N THR B 67 -20.47 13.60 16.81
CA THR B 67 -19.38 13.24 17.73
C THR B 67 -19.94 12.85 19.09
N LYS B 68 -21.27 12.89 19.21
CA LYS B 68 -22.00 12.55 20.44
C LYS B 68 -22.74 11.23 20.27
N LYS B 69 -22.36 10.22 21.05
CA LYS B 69 -23.03 8.91 21.02
C LYS B 69 -24.57 9.01 21.09
N GLU B 70 -25.07 9.85 21.99
CA GLU B 70 -26.51 10.00 22.19
C GLU B 70 -27.27 10.52 20.95
N ASP B 71 -26.63 11.42 20.20
CA ASP B 71 -27.24 11.94 18.98
C ASP B 71 -27.24 10.90 17.85
N LEU B 72 -26.21 10.06 17.82
CA LEU B 72 -26.14 8.94 16.88
C LEU B 72 -27.28 7.94 17.11
N HIS B 73 -27.55 7.56 18.37
CA HIS B 73 -28.72 6.73 18.67
CA HIS B 73 -28.72 6.74 18.71
C HIS B 73 -29.99 7.43 18.23
N LYS B 74 -29.99 8.76 18.26
CA LYS B 74 -31.18 9.53 17.97
C LYS B 74 -31.54 9.44 16.50
N ILE B 75 -30.56 9.63 15.63
CA ILE B 75 -30.79 9.58 14.20
C ILE B 75 -31.17 8.19 13.69
N VAL B 76 -30.49 7.15 14.19
CA VAL B 76 -30.86 5.80 13.80
C VAL B 76 -32.31 5.55 14.23
N GLU B 77 -32.62 5.90 15.48
CA GLU B 77 -33.93 5.75 16.07
C GLU B 77 -35.00 6.48 15.26
N GLU B 78 -34.66 7.68 14.79
CA GLU B 78 -35.61 8.50 14.07
C GLU B 78 -35.86 7.95 12.68
N ALA B 79 -34.80 7.40 12.10
CA ALA B 79 -34.84 6.79 10.79
C ALA B 79 -35.75 5.56 10.80
N MET B 80 -35.47 4.65 11.75
CA MET B 80 -36.27 3.43 11.93
C MET B 80 -37.74 3.74 12.18
N SER B 81 -38.02 4.80 12.94
CA SER B 81 -39.40 5.16 13.29
C SER B 81 -40.24 5.48 12.08
N HIS B 82 -39.63 6.11 11.08
CA HIS B 82 -40.37 6.62 9.95
C HIS B 82 -40.30 5.71 8.74
N PHE B 83 -39.20 4.97 8.62
CA PHE B 83 -38.95 4.17 7.43
C PHE B 83 -38.84 2.68 7.68
N GLY B 84 -38.55 2.30 8.93
CA GLY B 84 -38.51 0.89 9.32
C GLY B 84 -37.34 0.10 8.75
N LYS B 85 -36.35 0.81 8.23
CA LYS B 85 -35.21 0.19 7.54
C LYS B 85 -34.11 1.20 7.29
N ILE B 86 -32.87 0.72 7.30
CA ILE B 86 -31.74 1.52 6.83
C ILE B 86 -30.92 0.72 5.82
N ASP B 87 -31.03 1.14 4.55
CA ASP B 87 -30.38 0.44 3.44
C ASP B 87 -28.99 0.94 3.12
N PHE B 88 -28.79 2.25 3.14
CA PHE B 88 -27.44 2.82 2.92
C PHE B 88 -27.02 3.70 4.09
N LEU B 89 -25.78 3.55 4.49
CA LEU B 89 -25.19 4.43 5.50
C LEU B 89 -24.07 5.23 4.84
N ILE B 90 -24.29 6.52 4.65
CA ILE B 90 -23.28 7.38 4.05
C ILE B 90 -22.72 8.31 5.13
N ASN B 91 -21.53 7.93 5.59
CA ASN B 91 -20.83 8.66 6.65
C ASN B 91 -20.12 9.90 6.09
N ASN B 92 -20.93 10.86 5.67
CA ASN B 92 -20.42 12.06 5.02
C ASN B 92 -19.75 13.03 6.00
N ALA B 93 -20.29 13.15 7.21
CA ALA B 93 -19.69 14.01 8.24
C ALA B 93 -18.21 13.68 8.51
N GLY B 94 -17.45 14.71 8.85
CA GLY B 94 -16.02 14.56 9.11
C GLY B 94 -15.47 15.85 9.66
N PRO B 95 -15.26 15.91 10.98
CA PRO B 95 -14.53 17.02 11.61
C PRO B 95 -13.14 17.18 10.97
N TYR B 96 -12.71 18.43 10.79
CA TYR B 96 -11.45 18.73 10.10
C TYR B 96 -10.77 19.94 10.72
N VAL B 97 -9.55 19.77 11.23
CA VAL B 97 -8.79 20.93 11.77
C VAL B 97 -8.16 21.68 10.60
N PHE B 98 -8.69 22.87 10.30
CA PHE B 98 -8.19 23.67 9.17
C PHE B 98 -6.80 24.27 9.43
N GLU B 99 -6.56 24.68 10.68
CA GLU B 99 -5.22 25.10 11.15
C GLU B 99 -4.14 24.05 10.84
N ARG B 100 -3.11 24.49 10.14
CA ARG B 100 -1.98 23.64 9.78
C ARG B 100 -0.89 23.68 10.85
N LYS B 101 -0.91 22.69 11.74
CA LYS B 101 0.14 22.60 12.76
C LYS B 101 0.71 21.20 12.98
N LYS B 102 1.92 21.17 13.53
CA LYS B 102 2.59 19.93 13.86
C LYS B 102 1.88 19.23 15.02
N LEU B 103 1.99 17.91 15.04
CA LEU B 103 1.35 17.07 16.04
C LEU B 103 1.64 17.47 17.50
N VAL B 104 2.90 17.79 17.80
CA VAL B 104 3.29 18.19 19.16
C VAL B 104 2.52 19.44 19.67
N ASP B 105 2.09 20.30 18.74
CA ASP B 105 1.33 21.51 19.08
C ASP B 105 -0.17 21.25 19.15
N TYR B 106 -0.58 20.00 19.06
CA TYR B 106 -2.00 19.65 19.19
C TYR B 106 -2.50 19.68 20.63
N GLU B 107 -3.65 20.32 20.84
CA GLU B 107 -4.33 20.28 22.14
C GLU B 107 -4.98 18.93 22.34
N GLU B 108 -4.92 18.40 23.57
CA GLU B 108 -5.54 17.12 23.88
C GLU B 108 -6.94 17.04 23.26
N ASP B 109 -7.65 18.17 23.29
CA ASP B 109 -8.98 18.31 22.71
C ASP B 109 -9.09 18.28 21.19
N GLU B 110 -8.05 18.77 20.49
CA GLU B 110 -8.08 18.72 19.02
C GLU B 110 -7.90 17.29 18.51
N TRP B 111 -6.91 16.60 19.08
CA TRP B 111 -6.69 15.20 18.84
C TRP B 111 -7.97 14.38 19.03
N ASN B 112 -8.61 14.58 20.18
CA ASN B 112 -9.83 13.83 20.54
C ASN B 112 -11.02 14.03 19.61
N GLU B 113 -11.21 15.25 19.12
CA GLU B 113 -12.28 15.51 18.15
C GLU B 113 -12.02 14.80 16.83
N MET B 114 -10.77 14.79 16.39
CA MET B 114 -10.41 14.12 15.13
C MET B 114 -10.71 12.61 15.19
N ILE B 115 -10.26 11.96 16.26
CA ILE B 115 -10.49 10.54 16.45
C ILE B 115 -11.97 10.27 16.67
N GLN B 116 -12.56 11.00 17.60
CA GLN B 116 -13.95 10.75 17.95
C GLN B 116 -14.88 10.96 16.76
N GLY B 117 -14.60 11.96 15.94
CA GLY B 117 -15.48 12.31 14.83
C GLY B 117 -15.25 11.56 13.52
N ASN B 118 -14.01 11.15 13.26
CA ASN B 118 -13.71 10.45 12.03
C ASN B 118 -13.67 8.92 12.17
N LEU B 119 -13.48 8.41 13.38
CA LEU B 119 -13.26 6.97 13.57
C LEU B 119 -14.21 6.29 14.57
N THR B 120 -14.24 6.80 15.79
CA THR B 120 -15.11 6.29 16.83
C THR B 120 -16.59 6.49 16.48
N ALA B 121 -16.93 7.63 15.90
CA ALA B 121 -18.30 7.95 15.49
C ALA B 121 -18.81 6.91 14.51
N VAL B 122 -17.93 6.47 13.62
CA VAL B 122 -18.29 5.47 12.64
C VAL B 122 -18.56 4.14 13.34
N PHE B 123 -17.68 3.77 14.27
CA PHE B 123 -17.87 2.58 15.07
C PHE B 123 -19.24 2.56 15.77
N HIS B 124 -19.61 3.68 16.42
CA HIS B 124 -20.89 3.78 17.11
C HIS B 124 -22.06 3.61 16.15
N LEU B 125 -22.01 4.28 15.01
CA LEU B 125 -23.03 4.09 13.95
C LEU B 125 -23.09 2.67 13.40
N LEU B 126 -21.94 2.06 13.18
CA LEU B 126 -21.91 0.68 12.71
C LEU B 126 -22.49 -0.24 13.79
N LYS B 127 -22.21 0.09 15.04
CA LYS B 127 -22.73 -0.66 16.17
C LYS B 127 -24.27 -0.63 16.14
N LEU B 128 -24.83 0.47 15.67
CA LEU B 128 -26.29 0.65 15.62
C LEU B 128 -26.95 0.19 14.30
N VAL B 129 -26.26 0.40 13.19
CA VAL B 129 -26.88 0.17 11.88
C VAL B 129 -26.62 -1.23 11.31
N VAL B 130 -25.44 -1.79 11.57
CA VAL B 130 -25.10 -3.12 11.08
C VAL B 130 -26.10 -4.21 11.51
N PRO B 131 -26.58 -4.18 12.78
CA PRO B 131 -27.53 -5.24 13.12
C PRO B 131 -28.87 -5.11 12.39
N VAL B 132 -29.23 -3.90 11.99
CA VAL B 132 -30.44 -3.70 11.19
C VAL B 132 -30.24 -4.26 9.77
N MET B 133 -29.08 -3.95 9.18
CA MET B 133 -28.71 -4.45 7.85
C MET B 133 -28.67 -5.99 7.78
N ARG B 134 -28.18 -6.61 8.84
CA ARG B 134 -28.12 -8.07 8.90
C ARG B 134 -29.50 -8.70 8.70
N LYS B 135 -30.48 -8.18 9.43
CA LYS B 135 -31.84 -8.70 9.38
C LYS B 135 -32.49 -8.48 8.04
N GLN B 136 -32.17 -7.35 7.42
CA GLN B 136 -32.63 -7.05 6.06
C GLN B 136 -31.90 -7.93 5.04
N ASN B 137 -30.78 -8.53 5.44
CA ASN B 137 -29.90 -9.21 4.50
C ASN B 137 -29.36 -8.27 3.39
N PHE B 138 -29.26 -6.98 3.70
CA PHE B 138 -28.84 -5.97 2.72
C PHE B 138 -28.20 -4.74 3.37
N GLY B 139 -27.08 -4.30 2.79
CA GLY B 139 -26.41 -3.10 3.30
C GLY B 139 -25.33 -2.53 2.41
N ARG B 140 -25.27 -1.20 2.42
CA ARG B 140 -24.22 -0.48 1.71
C ARG B 140 -23.64 0.53 2.67
N ILE B 141 -22.39 0.33 3.05
CA ILE B 141 -21.71 1.29 3.92
C ILE B 141 -20.72 2.08 3.08
N ILE B 142 -20.84 3.40 3.17
CA ILE B 142 -19.92 4.34 2.52
C ILE B 142 -19.18 5.24 3.55
N ASN B 143 -17.87 5.11 3.59
CA ASN B 143 -17.00 6.00 4.37
C ASN B 143 -16.20 6.92 3.45
N TYR B 144 -15.68 8.00 4.02
CA TYR B 144 -14.86 8.94 3.26
C TYR B 144 -13.41 8.88 3.71
N GLY B 145 -12.49 8.95 2.76
CA GLY B 145 -11.08 9.08 3.08
C GLY B 145 -10.55 10.32 2.42
N PHE B 146 -9.25 10.33 2.17
CA PHE B 146 -8.62 11.44 1.47
C PHE B 146 -7.75 10.84 0.36
N GLN B 147 -7.33 11.66 -0.58
CA GLN B 147 -6.51 11.17 -1.69
C GLN B 147 -5.27 10.48 -1.15
N GLY B 148 -5.06 9.23 -1.58
CA GLY B 148 -3.88 8.47 -1.19
C GLY B 148 -3.96 7.75 0.16
N ALA B 149 -5.10 7.88 0.85
CA ALA B 149 -5.32 7.17 2.11
C ALA B 149 -5.05 5.66 2.05
N ASP B 150 -5.27 5.04 0.89
CA ASP B 150 -5.12 3.59 0.72
C ASP B 150 -3.68 3.12 1.03
N SER B 151 -2.70 3.99 0.87
CA SER B 151 -1.32 3.61 1.17
C SER B 151 -0.83 4.02 2.58
N ALA B 152 -1.76 4.33 3.48
CA ALA B 152 -1.44 4.73 4.87
C ALA B 152 -0.25 5.71 4.95
N PRO B 153 -0.37 6.89 4.30
CA PRO B 153 0.73 7.83 4.31
C PRO B 153 0.70 8.74 5.53
N GLY B 154 1.80 9.44 5.78
CA GLY B 154 1.78 10.59 6.67
C GLY B 154 1.29 11.81 5.91
N TRP B 155 0.86 12.83 6.65
CA TRP B 155 0.42 14.08 6.04
C TRP B 155 0.77 15.22 6.97
N ILE B 156 1.90 15.88 6.71
CA ILE B 156 2.39 16.98 7.54
C ILE B 156 1.30 18.02 7.78
N TYR B 157 1.20 18.48 9.01
CA TYR B 157 0.18 19.47 9.44
C TYR B 157 -1.25 18.95 9.43
N ARG B 158 -1.42 17.66 9.18
CA ARG B 158 -2.75 17.03 9.16
C ARG B 158 -2.72 15.69 9.86
N SER B 159 -1.78 15.51 10.79
CA SER B 159 -1.54 14.23 11.44
C SER B 159 -2.77 13.54 12.05
N ALA B 160 -3.55 14.28 12.82
CA ALA B 160 -4.68 13.66 13.50
C ALA B 160 -5.75 13.21 12.48
N PHE B 161 -6.02 14.07 11.50
CA PHE B 161 -6.96 13.73 10.44
C PHE B 161 -6.47 12.54 9.60
N ALA B 162 -5.21 12.58 9.18
CA ALA B 162 -4.63 11.46 8.42
C ALA B 162 -4.72 10.14 9.18
N ALA B 163 -4.29 10.16 10.44
CA ALA B 163 -4.30 8.97 11.28
C ALA B 163 -5.71 8.40 11.42
N ALA B 164 -6.67 9.26 11.71
CA ALA B 164 -8.05 8.81 11.88
C ALA B 164 -8.63 8.27 10.57
N LYS B 165 -8.26 8.90 9.45
CA LYS B 165 -8.79 8.47 8.15
C LYS B 165 -8.12 7.19 7.62
N VAL B 166 -6.84 7.02 7.93
CA VAL B 166 -6.11 5.83 7.54
C VAL B 166 -6.59 4.65 8.41
N GLY B 167 -6.85 4.89 9.69
CA GLY B 167 -7.43 3.87 10.55
C GLY B 167 -8.80 3.46 10.03
N LEU B 168 -9.54 4.43 9.51
CA LEU B 168 -10.85 4.20 8.94
C LEU B 168 -10.79 3.34 7.68
N VAL B 169 -9.73 3.51 6.88
CA VAL B 169 -9.50 2.64 5.73
C VAL B 169 -9.54 1.16 6.13
N SER B 170 -8.78 0.83 7.17
CA SER B 170 -8.65 -0.52 7.67
C SER B 170 -10.00 -1.00 8.22
N LEU B 171 -10.61 -0.17 9.04
CA LEU B 171 -11.90 -0.46 9.64
C LEU B 171 -12.93 -0.85 8.53
N THR B 172 -12.90 -0.10 7.43
CA THR B 172 -13.78 -0.31 6.29
C THR B 172 -13.64 -1.70 5.69
N LYS B 173 -12.40 -2.12 5.46
CA LYS B 173 -12.15 -3.43 4.90
C LYS B 173 -12.54 -4.55 5.86
N THR B 174 -12.22 -4.36 7.14
CA THR B 174 -12.55 -5.32 8.20
C THR B 174 -14.06 -5.53 8.24
N VAL B 175 -14.82 -4.44 8.29
CA VAL B 175 -16.28 -4.50 8.24
C VAL B 175 -16.73 -5.21 6.99
N ALA B 176 -16.09 -4.92 5.86
CA ALA B 176 -16.40 -5.61 4.60
C ALA B 176 -16.26 -7.14 4.68
N TYR B 177 -15.18 -7.65 5.30
CA TYR B 177 -14.98 -9.11 5.40
C TYR B 177 -15.93 -9.75 6.39
N GLU B 178 -16.08 -9.12 7.54
CA GLU B 178 -16.96 -9.61 8.60
C GLU B 178 -18.45 -9.64 8.21
N GLU B 179 -18.88 -8.75 7.32
CA GLU B 179 -20.31 -8.60 7.04
C GLU B 179 -20.78 -9.03 5.63
N ALA B 180 -19.87 -9.55 4.82
CA ALA B 180 -20.22 -10.02 3.46
C ALA B 180 -21.30 -11.13 3.46
N GLU B 181 -21.22 -12.03 4.43
CA GLU B 181 -22.22 -13.09 4.64
C GLU B 181 -23.67 -12.59 4.62
N TYR B 182 -23.87 -11.36 5.08
CA TYR B 182 -25.21 -10.82 5.27
C TYR B 182 -25.64 -9.91 4.13
N GLY B 183 -24.87 -9.87 3.06
CA GLY B 183 -25.19 -9.02 1.92
C GLY B 183 -24.89 -7.56 2.20
N ILE B 184 -23.97 -7.32 3.13
CA ILE B 184 -23.51 -5.97 3.44
C ILE B 184 -22.14 -5.73 2.82
N THR B 185 -22.01 -4.65 2.06
CA THR B 185 -20.73 -4.22 1.51
C THR B 185 -20.27 -2.96 2.22
N ALA B 186 -18.97 -2.72 2.23
CA ALA B 186 -18.44 -1.49 2.83
C ALA B 186 -17.31 -0.99 1.96
N ASN B 187 -17.44 0.26 1.53
CA ASN B 187 -16.46 0.86 0.64
C ASN B 187 -16.12 2.27 1.04
N MET B 188 -14.97 2.73 0.56
CA MET B 188 -14.53 4.09 0.79
C MET B 188 -14.46 4.90 -0.50
N VAL B 189 -14.89 6.14 -0.42
CA VAL B 189 -14.67 7.12 -1.47
C VAL B 189 -13.69 8.18 -0.94
N CYS B 190 -12.69 8.51 -1.76
CA CYS B 190 -11.74 9.57 -1.41
C CYS B 190 -11.88 10.80 -2.31
N PRO B 191 -12.56 11.86 -1.80
CA PRO B 191 -12.63 13.10 -2.58
C PRO B 191 -11.26 13.75 -2.62
N GLY B 192 -10.97 14.46 -3.70
CA GLY B 192 -9.73 15.25 -3.78
C GLY B 192 -10.04 16.62 -3.20
N ASP B 193 -9.25 17.62 -3.55
CA ASP B 193 -9.52 18.99 -3.12
C ASP B 193 -10.65 19.60 -3.93
N ILE B 194 -11.88 19.46 -3.42
CA ILE B 194 -13.02 20.14 -4.01
C ILE B 194 -13.25 21.41 -3.18
N ILE B 195 -13.26 22.55 -3.84
CA ILE B 195 -13.19 23.83 -3.13
C ILE B 195 -14.50 24.63 -3.08
N GLY B 196 -14.90 24.97 -1.85
CA GLY B 196 -16.00 25.89 -1.57
C GLY B 196 -17.29 25.57 -2.31
N GLU B 197 -17.67 26.45 -3.23
CA GLU B 197 -18.91 26.33 -4.00
C GLU B 197 -18.98 25.07 -4.86
N MET B 198 -17.82 24.61 -5.33
CA MET B 198 -17.74 23.38 -6.14
C MET B 198 -18.19 22.11 -5.40
N LYS B 199 -18.24 22.18 -4.07
CA LYS B 199 -18.74 21.10 -3.24
C LYS B 199 -20.25 20.90 -3.41
N GLU B 200 -20.98 22.01 -3.62
CA GLU B 200 -22.43 21.95 -3.82
C GLU B 200 -22.82 22.00 -5.30
N ALA B 201 -21.82 21.87 -6.17
CA ALA B 201 -22.01 22.05 -7.61
C ALA B 201 -22.33 20.76 -8.36
N THR B 202 -22.94 20.91 -9.54
CA THR B 202 -23.15 19.79 -10.45
C THR B 202 -22.00 19.74 -11.43
N ILE B 203 -21.66 18.54 -11.89
CA ILE B 203 -20.68 18.36 -12.97
C ILE B 203 -20.98 19.31 -14.13
N GLN B 204 -22.28 19.40 -14.47
CA GLN B 204 -22.77 20.29 -15.52
C GLN B 204 -22.35 21.76 -15.32
N GLU B 205 -22.46 22.26 -14.09
CA GLU B 205 -22.00 23.61 -13.75
C GLU B 205 -20.49 23.75 -13.97
N ALA B 206 -19.74 22.76 -13.51
CA ALA B 206 -18.28 22.75 -13.60
C ALA B 206 -17.75 22.74 -15.04
N ARG B 207 -18.52 22.19 -15.96
CA ARG B 207 -18.13 22.17 -17.38
C ARG B 207 -18.27 23.55 -18.01
N GLN B 208 -19.40 24.21 -17.75
CA GLN B 208 -19.68 25.54 -18.33
C GLN B 208 -18.75 26.64 -17.81
N LEU B 209 -17.72 26.25 -17.06
CA LEU B 209 -16.74 27.18 -16.54
C LEU B 209 -15.78 27.69 -17.63
N ARG B 218 -11.17 20.89 -15.66
CA ARG B 218 -12.35 21.23 -14.87
C ARG B 218 -12.23 20.80 -13.41
N SER B 219 -13.00 21.47 -12.55
CA SER B 219 -13.01 21.16 -11.14
C SER B 219 -13.87 19.94 -10.82
N GLY B 220 -13.45 19.18 -9.82
CA GLY B 220 -14.29 18.14 -9.22
C GLY B 220 -15.45 18.76 -8.46
N THR B 221 -16.51 17.97 -8.25
CA THR B 221 -17.71 18.45 -7.57
C THR B 221 -18.30 17.40 -6.63
N GLY B 222 -19.27 17.83 -5.84
CA GLY B 222 -20.05 16.93 -5.02
C GLY B 222 -20.73 15.86 -5.86
N GLU B 223 -21.20 16.24 -7.05
CA GLU B 223 -21.81 15.29 -7.97
C GLU B 223 -20.87 14.16 -8.42
N ASP B 224 -19.57 14.42 -8.57
CA ASP B 224 -18.60 13.37 -8.92
C ASP B 224 -18.55 12.29 -7.83
N ILE B 225 -18.59 12.74 -6.59
CA ILE B 225 -18.59 11.86 -5.45
C ILE B 225 -19.95 11.20 -5.34
N ALA B 226 -21.01 12.00 -5.52
CA ALA B 226 -22.39 11.53 -5.39
C ALA B 226 -22.72 10.37 -6.34
N ARG B 227 -22.30 10.48 -7.59
CA ARG B 227 -22.53 9.43 -8.57
C ARG B 227 -21.76 8.12 -8.31
N THR B 228 -20.62 8.22 -7.63
CA THR B 228 -19.85 7.04 -7.23
C THR B 228 -20.60 6.26 -6.15
N ILE B 229 -21.00 6.97 -5.11
CA ILE B 229 -21.81 6.42 -4.03
C ILE B 229 -23.08 5.82 -4.63
N SER B 230 -23.71 6.58 -5.52
CA SER B 230 -24.89 6.14 -6.26
C SER B 230 -24.66 4.77 -6.92
N PHE B 231 -23.57 4.67 -7.67
CA PHE B 231 -23.16 3.41 -8.31
C PHE B 231 -22.91 2.30 -7.28
N LEU B 232 -22.26 2.63 -6.15
CA LEU B 232 -21.93 1.62 -5.13
C LEU B 232 -23.15 1.11 -4.37
N CYS B 233 -24.20 1.92 -4.25
CA CYS B 233 -25.42 1.53 -3.58
C CYS B 233 -26.32 0.62 -4.42
N GLU B 234 -26.06 0.54 -5.72
CA GLU B 234 -26.89 -0.29 -6.61
C GLU B 234 -26.93 -1.77 -6.18
N ASP B 235 -28.08 -2.41 -6.40
CA ASP B 235 -28.30 -3.82 -6.05
C ASP B 235 -27.27 -4.76 -6.68
N ASP B 236 -26.90 -4.47 -7.92
CA ASP B 236 -25.93 -5.29 -8.63
C ASP B 236 -24.47 -4.94 -8.34
N SER B 237 -24.25 -3.99 -7.43
CA SER B 237 -22.88 -3.64 -6.98
C SER B 237 -22.42 -4.44 -5.76
N ASP B 238 -23.08 -5.56 -5.47
CA ASP B 238 -22.80 -6.32 -4.25
C ASP B 238 -21.47 -7.08 -4.23
N MET B 239 -20.78 -7.19 -5.36
CA MET B 239 -19.45 -7.81 -5.38
C MET B 239 -18.31 -6.81 -5.15
N ILE B 240 -18.64 -5.51 -5.16
CA ILE B 240 -17.70 -4.45 -4.81
C ILE B 240 -17.73 -4.14 -3.32
N THR B 241 -16.66 -4.53 -2.62
CA THR B 241 -16.59 -4.40 -1.17
C THR B 241 -15.14 -4.29 -0.74
N GLY B 242 -14.88 -3.50 0.30
CA GLY B 242 -13.51 -3.24 0.76
C GLY B 242 -12.60 -2.51 -0.23
N THR B 243 -13.19 -1.74 -1.14
CA THR B 243 -12.42 -0.97 -2.13
C THR B 243 -12.39 0.54 -1.85
N ILE B 244 -11.23 1.15 -2.03
CA ILE B 244 -11.03 2.58 -1.77
C ILE B 244 -10.96 3.29 -3.11
N ILE B 245 -12.03 3.99 -3.47
CA ILE B 245 -12.13 4.59 -4.81
C ILE B 245 -11.77 6.06 -4.77
N GLU B 246 -10.68 6.42 -5.46
CA GLU B 246 -10.29 7.82 -5.56
C GLU B 246 -10.97 8.60 -6.69
N VAL B 247 -11.71 9.63 -6.30
CA VAL B 247 -12.38 10.51 -7.23
C VAL B 247 -11.68 11.86 -7.16
N THR B 248 -10.39 11.83 -7.45
CA THR B 248 -9.52 12.99 -7.31
C THR B 248 -9.47 13.83 -8.58
N GLY B 249 -9.21 13.18 -9.71
CA GLY B 249 -8.92 13.83 -10.99
C GLY B 249 -7.43 13.83 -11.29
N ALA B 250 -6.67 12.98 -10.60
CA ALA B 250 -5.21 12.87 -10.73
C ALA B 250 -4.51 14.16 -10.30
N VAL B 251 -5.14 14.84 -9.34
CA VAL B 251 -4.58 16.01 -8.69
C VAL B 251 -4.15 15.61 -7.28
N ASP B 252 -2.85 15.66 -7.04
CA ASP B 252 -2.28 15.32 -5.73
C ASP B 252 -2.48 16.48 -4.75
N VAL B 253 -2.95 16.18 -3.54
CA VAL B 253 -3.19 17.21 -2.53
C VAL B 253 -2.26 17.09 -1.30
N ILE B 254 -1.92 15.86 -0.93
CA ILE B 254 -1.27 15.57 0.35
C ILE B 254 0.27 15.73 0.37
N HIS B 255 0.82 16.51 -0.55
CA HIS B 255 2.27 16.69 -0.64
C HIS B 255 2.71 18.14 -0.84
N PHE C 6 27.13 11.17 29.54
CA PHE C 6 26.58 11.23 28.15
C PHE C 6 26.23 9.84 27.53
N VAL C 7 25.80 8.90 28.38
CA VAL C 7 25.26 7.59 27.93
C VAL C 7 23.78 7.73 27.57
N ARG C 8 23.36 7.15 26.45
CA ARG C 8 22.00 7.31 25.91
C ARG C 8 20.94 6.62 26.76
N HIS C 9 19.74 7.19 26.79
CA HIS C 9 18.66 6.71 27.64
C HIS C 9 17.36 6.33 26.88
N ALA C 10 16.82 5.17 27.21
CA ALA C 10 15.64 4.66 26.54
C ALA C 10 14.42 4.67 27.47
N LEU C 11 13.28 5.07 26.94
CA LEU C 11 12.03 4.91 27.65
C LEU C 11 11.25 3.86 26.90
N ILE C 12 10.97 2.74 27.55
CA ILE C 12 10.20 1.68 26.92
C ILE C 12 8.93 1.35 27.71
N THR C 13 7.79 1.28 27.03
CA THR C 13 6.55 0.97 27.72
C THR C 13 6.40 -0.55 27.77
N ALA C 14 5.89 -1.06 28.91
CA ALA C 14 5.68 -2.51 29.13
C ALA C 14 6.94 -3.36 28.88
N GLY C 15 8.06 -2.94 29.44
CA GLY C 15 9.33 -3.58 29.13
C GLY C 15 9.81 -4.66 30.07
N THR C 16 8.92 -5.18 30.92
CA THR C 16 9.28 -6.23 31.91
C THR C 16 8.91 -7.63 31.43
N LYS C 17 7.93 -7.72 30.54
CA LYS C 17 7.47 -9.00 29.99
C LYS C 17 7.37 -8.96 28.45
N GLY C 18 7.01 -10.12 27.86
CA GLY C 18 6.87 -10.29 26.42
C GLY C 18 8.05 -9.82 25.59
N LEU C 19 7.74 -9.27 24.43
CA LEU C 19 8.72 -8.71 23.51
C LEU C 19 9.57 -7.63 24.19
N GLY C 20 8.91 -6.72 24.94
CA GLY C 20 9.56 -5.62 25.66
C GLY C 20 10.73 -6.05 26.53
N LYS C 21 10.57 -7.19 27.19
CA LYS C 21 11.61 -7.74 28.06
C LYS C 21 12.95 -7.94 27.33
N GLN C 22 12.90 -8.62 26.17
CA GLN C 22 14.09 -8.80 25.33
C GLN C 22 14.67 -7.49 24.81
N VAL C 23 13.81 -6.52 24.54
CA VAL C 23 14.24 -5.20 24.10
C VAL C 23 15.01 -4.48 25.20
N THR C 24 14.47 -4.48 26.43
CA THR C 24 15.18 -3.92 27.58
C THR C 24 16.55 -4.57 27.77
N GLU C 25 16.57 -5.90 27.77
CA GLU C 25 17.82 -6.63 28.00
C GLU C 25 18.85 -6.30 26.92
N LYS C 26 18.34 -6.01 25.71
CA LYS C 26 19.19 -5.69 24.58
C LYS C 26 19.92 -4.37 24.75
N LEU C 27 19.17 -3.33 25.10
CA LEU C 27 19.69 -1.99 25.32
C LEU C 27 20.61 -1.94 26.51
N LEU C 28 20.26 -2.68 27.56
CA LEU C 28 21.15 -2.78 28.71
C LEU C 28 22.50 -3.35 28.28
N ALA C 29 22.49 -4.45 27.53
CA ALA C 29 23.73 -5.07 27.07
C ALA C 29 24.59 -4.12 26.23
N LYS C 30 23.93 -3.29 25.43
CA LYS C 30 24.57 -2.25 24.62
C LYS C 30 25.20 -1.11 25.42
N GLY C 31 25.07 -1.14 26.75
CA GLY C 31 25.55 -0.06 27.59
C GLY C 31 24.59 1.10 27.89
N TYR C 32 23.34 1.00 27.43
CA TYR C 32 22.34 2.07 27.64
C TYR C 32 21.68 2.05 29.03
N SER C 33 21.02 3.15 29.37
CA SER C 33 20.17 3.19 30.54
C SER C 33 18.70 3.16 30.09
N VAL C 34 17.83 2.63 30.94
CA VAL C 34 16.45 2.34 30.58
C VAL C 34 15.42 2.64 31.69
N THR C 35 14.32 3.28 31.31
CA THR C 35 13.13 3.39 32.14
C THR C 35 12.07 2.44 31.58
N VAL C 36 11.70 1.42 32.35
CA VAL C 36 10.66 0.50 31.86
C VAL C 36 9.36 0.66 32.64
N THR C 37 8.24 0.60 31.93
CA THR C 37 6.94 0.62 32.61
C THR C 37 6.38 -0.79 32.82
N TYR C 38 5.49 -0.92 33.77
CA TYR C 38 4.73 -2.15 33.99
C TYR C 38 3.38 -1.70 34.54
N HIS C 39 2.39 -2.58 34.46
CA HIS C 39 1.02 -2.24 34.86
C HIS C 39 0.46 -3.25 35.85
N THR C 42 4.78 -7.02 37.48
CA THR C 42 4.81 -6.77 38.94
C THR C 42 5.78 -7.71 39.66
N THR C 43 5.64 -9.01 39.39
CA THR C 43 6.59 -10.01 39.85
C THR C 43 7.58 -10.27 38.72
N ALA C 44 7.15 -9.96 37.50
CA ALA C 44 8.04 -9.89 36.34
C ALA C 44 9.01 -8.73 36.50
N MET C 45 8.55 -7.64 37.12
CA MET C 45 9.40 -6.49 37.41
C MET C 45 10.43 -6.81 38.49
N GLU C 46 10.04 -7.64 39.45
CA GLU C 46 10.92 -7.98 40.58
C GLU C 46 12.04 -8.94 40.17
N THR C 47 11.71 -9.91 39.33
CA THR C 47 12.70 -10.87 38.82
C THR C 47 13.72 -10.15 37.94
N MET C 48 13.24 -9.22 37.12
CA MET C 48 14.11 -8.34 36.33
C MET C 48 14.95 -7.42 37.23
N LYS C 49 14.33 -6.86 38.27
CA LYS C 49 15.04 -6.00 39.21
C LYS C 49 16.15 -6.75 39.91
N GLU C 50 15.90 -8.03 40.18
CA GLU C 50 16.88 -8.91 40.83
C GLU C 50 18.06 -9.22 39.91
N THR C 51 17.76 -9.50 38.64
CA THR C 51 18.78 -9.87 37.65
C THR C 51 19.81 -8.77 37.40
N TYR C 52 19.38 -7.50 37.49
CA TYR C 52 20.26 -6.37 37.19
C TYR C 52 20.63 -5.53 38.41
N LYS C 53 20.72 -6.18 39.56
CA LYS C 53 21.18 -5.52 40.79
C LYS C 53 22.50 -4.81 40.56
N ASP C 54 23.39 -5.44 39.78
CA ASP C 54 24.73 -4.94 39.57
C ASP C 54 24.73 -3.55 38.95
N VAL C 55 23.86 -3.35 37.97
CA VAL C 55 23.75 -2.08 37.26
C VAL C 55 22.43 -1.36 37.56
N GLU C 56 22.16 -1.16 38.85
CA GLU C 56 20.97 -0.45 39.33
C GLU C 56 20.85 0.95 38.73
N GLU C 57 21.99 1.65 38.65
CA GLU C 57 22.05 3.04 38.17
C GLU C 57 21.49 3.23 36.76
N ARG C 58 21.49 2.16 35.97
CA ARG C 58 21.09 2.21 34.55
C ARG C 58 19.69 1.65 34.25
N LEU C 59 18.95 1.27 35.29
CA LEU C 59 17.63 0.65 35.16
C LEU C 59 16.63 1.18 36.19
N GLN C 60 15.53 1.76 35.70
CA GLN C 60 14.49 2.38 36.52
C GLN C 60 13.13 1.83 36.11
N PHE C 61 12.28 1.52 37.09
CA PHE C 61 10.98 0.91 36.83
C PHE C 61 9.86 1.87 37.27
N VAL C 62 8.88 2.09 36.41
CA VAL C 62 7.73 2.91 36.78
C VAL C 62 6.44 2.16 36.46
N GLN C 63 5.55 2.04 37.44
CA GLN C 63 4.21 1.51 37.17
C GLN C 63 3.40 2.51 36.36
N ALA C 64 2.71 2.03 35.32
CA ALA C 64 1.83 2.88 34.51
C ALA C 64 0.77 2.10 33.76
N ASP C 65 -0.43 2.67 33.74
CA ASP C 65 -1.45 2.26 32.78
C ASP C 65 -1.28 3.19 31.58
N VAL C 66 -0.87 2.64 30.45
CA VAL C 66 -0.59 3.44 29.24
C VAL C 66 -1.82 4.13 28.63
N THR C 67 -3.02 3.68 29.01
CA THR C 67 -4.29 4.27 28.55
C THR C 67 -4.70 5.48 29.39
N LYS C 68 -3.93 5.72 30.45
CA LYS C 68 -4.17 6.87 31.33
C LYS C 68 -3.09 7.94 31.16
N LYS C 69 -3.52 9.09 30.66
CA LYS C 69 -2.63 10.20 30.34
C LYS C 69 -1.81 10.69 31.55
N GLU C 70 -2.42 10.67 32.73
CA GLU C 70 -1.73 11.03 33.99
C GLU C 70 -0.49 10.17 34.27
N ASP C 71 -0.64 8.86 34.07
CA ASP C 71 0.46 7.91 34.25
C ASP C 71 1.59 8.15 33.24
N LEU C 72 1.22 8.55 32.02
CA LEU C 72 2.18 8.84 30.96
C LEU C 72 3.05 10.05 31.27
N HIS C 73 2.42 11.11 31.77
CA HIS C 73 3.14 12.28 32.30
C HIS C 73 4.10 11.88 33.45
N LYS C 74 3.67 10.92 34.26
CA LYS C 74 4.46 10.48 35.39
C LYS C 74 5.74 9.76 34.93
N ILE C 75 5.63 8.86 33.95
CA ILE C 75 6.80 8.12 33.45
C ILE C 75 7.85 9.05 32.84
N VAL C 76 7.39 10.10 32.15
CA VAL C 76 8.28 11.06 31.52
C VAL C 76 9.02 11.85 32.59
N GLU C 77 8.27 12.42 33.53
CA GLU C 77 8.83 13.09 34.69
C GLU C 77 9.90 12.24 35.37
N GLU C 78 9.54 11.00 35.73
CA GLU C 78 10.42 10.15 36.52
C GLU C 78 11.71 9.81 35.80
N ALA C 79 11.62 9.67 34.48
CA ALA C 79 12.76 9.40 33.62
C ALA C 79 13.68 10.61 33.54
N MET C 80 13.07 11.78 33.37
CA MET C 80 13.80 13.04 33.29
C MET C 80 14.49 13.42 34.62
N SER C 81 13.80 13.23 35.74
CA SER C 81 14.37 13.47 37.05
C SER C 81 15.61 12.62 37.27
N HIS C 82 15.51 11.35 36.90
CA HIS C 82 16.57 10.39 37.15
C HIS C 82 17.71 10.47 36.14
N PHE C 83 17.38 10.76 34.87
CA PHE C 83 18.36 10.66 33.79
C PHE C 83 18.61 11.95 32.99
N GLY C 84 17.66 12.86 33.02
CA GLY C 84 17.82 14.18 32.41
C GLY C 84 17.69 14.21 30.90
N LYS C 85 17.31 13.08 30.31
CA LYS C 85 17.19 12.97 28.86
C LYS C 85 16.42 11.73 28.45
N ILE C 86 15.74 11.84 27.30
CA ILE C 86 15.15 10.68 26.65
C ILE C 86 15.67 10.62 25.21
N ASP C 87 16.53 9.64 24.95
CA ASP C 87 17.12 9.47 23.63
C ASP C 87 16.25 8.57 22.75
N PHE C 88 15.79 7.45 23.31
CA PHE C 88 14.95 6.50 22.58
C PHE C 88 13.58 6.35 23.23
N LEU C 89 12.54 6.34 22.42
CA LEU C 89 11.19 6.10 22.92
C LEU C 89 10.63 4.90 22.18
N ILE C 90 10.35 3.84 22.93
CA ILE C 90 9.94 2.57 22.37
C ILE C 90 8.56 2.19 22.89
N ASN C 91 7.55 2.38 22.04
CA ASN C 91 6.16 2.24 22.43
C ASN C 91 5.75 0.81 22.29
N ASN C 92 6.37 -0.02 23.13
CA ASN C 92 6.24 -1.45 23.06
C ASN C 92 4.88 -1.95 23.54
N ALA C 93 4.29 -1.21 24.47
CA ALA C 93 2.98 -1.54 25.00
C ALA C 93 1.95 -1.45 23.91
N GLY C 94 0.91 -2.24 24.04
CA GLY C 94 -0.13 -2.26 23.06
C GLY C 94 -1.11 -3.30 23.54
N PRO C 95 -2.11 -2.86 24.31
CA PRO C 95 -3.18 -3.77 24.63
C PRO C 95 -3.81 -4.35 23.37
N TYR C 96 -4.38 -5.54 23.53
CA TYR C 96 -4.83 -6.38 22.45
C TYR C 96 -6.01 -7.18 22.99
N VAL C 97 -7.09 -7.24 22.24
CA VAL C 97 -8.21 -8.10 22.60
C VAL C 97 -7.94 -9.46 21.99
N PHE C 98 -7.69 -10.45 22.86
CA PHE C 98 -7.39 -11.82 22.42
C PHE C 98 -8.61 -12.60 21.90
N GLU C 99 -9.79 -12.30 22.43
CA GLU C 99 -11.06 -12.87 21.93
C GLU C 99 -11.28 -12.49 20.48
N ARG C 100 -11.81 -13.41 19.70
CA ARG C 100 -12.14 -13.17 18.30
C ARG C 100 -13.62 -12.82 18.10
N LYS C 101 -13.94 -11.55 18.15
CA LYS C 101 -15.32 -11.14 17.87
C LYS C 101 -15.39 -10.10 16.75
N LYS C 102 -16.50 -10.11 16.02
CA LYS C 102 -16.76 -9.12 14.99
C LYS C 102 -16.85 -7.72 15.60
N LEU C 103 -16.56 -6.69 14.81
CA LEU C 103 -16.54 -5.30 15.27
C LEU C 103 -17.81 -4.89 16.02
N VAL C 104 -18.95 -5.30 15.49
CA VAL C 104 -20.24 -4.88 16.01
C VAL C 104 -20.53 -5.54 17.38
N ASP C 105 -19.74 -6.54 17.76
CA ASP C 105 -19.87 -7.19 19.06
C ASP C 105 -19.03 -6.49 20.14
N TYR C 106 -18.19 -5.55 19.73
CA TYR C 106 -17.33 -4.85 20.70
C TYR C 106 -18.13 -4.02 21.67
N GLU C 107 -17.75 -4.08 22.93
CA GLU C 107 -18.25 -3.17 23.94
C GLU C 107 -17.54 -1.83 23.77
N GLU C 108 -18.24 -0.73 24.05
CA GLU C 108 -17.64 0.59 23.96
C GLU C 108 -16.29 0.63 24.69
N ASP C 109 -16.21 0.02 25.88
CA ASP C 109 -14.95 -0.06 26.64
C ASP C 109 -13.84 -0.79 25.88
N GLU C 110 -14.21 -1.86 25.17
CA GLU C 110 -13.25 -2.61 24.34
C GLU C 110 -12.67 -1.74 23.20
N TRP C 111 -13.56 -1.12 22.42
CA TRP C 111 -13.15 -0.17 21.41
C TRP C 111 -12.19 0.91 21.96
N ASN C 112 -12.61 1.59 23.03
CA ASN C 112 -11.83 2.70 23.61
C ASN C 112 -10.46 2.26 24.11
N GLU C 113 -10.38 1.07 24.70
CA GLU C 113 -9.08 0.53 25.12
C GLU C 113 -8.06 0.39 23.98
N MET C 114 -8.50 -0.14 22.84
CA MET C 114 -7.66 -0.28 21.65
C MET C 114 -7.22 1.11 21.08
N ILE C 115 -8.18 2.02 20.87
CA ILE C 115 -7.82 3.34 20.39
C ILE C 115 -6.89 4.06 21.37
N GLN C 116 -7.31 4.15 22.63
CA GLN C 116 -6.51 4.82 23.65
C GLN C 116 -5.19 4.12 23.88
N GLY C 117 -5.21 2.79 23.92
CA GLY C 117 -4.01 2.03 24.21
C GLY C 117 -2.97 2.07 23.11
N ASN C 118 -3.43 2.12 21.86
CA ASN C 118 -2.53 1.96 20.72
C ASN C 118 -2.26 3.22 19.89
N LEU C 119 -3.20 4.16 19.87
CA LEU C 119 -3.03 5.35 19.08
C LEU C 119 -2.85 6.59 19.95
N THR C 120 -3.85 6.86 20.78
CA THR C 120 -3.86 8.07 21.59
C THR C 120 -2.74 8.10 22.63
N ALA C 121 -2.38 6.92 23.16
CA ALA C 121 -1.25 6.83 24.07
C ALA C 121 -0.01 7.38 23.41
N VAL C 122 0.20 7.05 22.14
CA VAL C 122 1.42 7.46 21.44
C VAL C 122 1.45 8.97 21.27
N PHE C 123 0.32 9.56 20.86
CA PHE C 123 0.20 11.01 20.78
C PHE C 123 0.58 11.64 22.11
N HIS C 124 -0.01 11.16 23.21
CA HIS C 124 0.28 11.69 24.54
C HIS C 124 1.76 11.68 24.86
N LEU C 125 2.41 10.55 24.60
CA LEU C 125 3.84 10.39 24.82
C LEU C 125 4.68 11.30 23.94
N LEU C 126 4.37 11.34 22.65
CA LEU C 126 5.06 12.19 21.69
C LEU C 126 4.98 13.64 22.10
N LYS C 127 3.81 14.02 22.58
CA LYS C 127 3.51 15.36 23.05
C LYS C 127 4.43 15.76 24.23
N LEU C 128 4.89 14.76 24.97
CA LEU C 128 5.76 15.00 26.12
C LEU C 128 7.20 14.88 25.72
N VAL C 129 7.51 13.87 24.91
CA VAL C 129 8.88 13.49 24.66
C VAL C 129 9.53 14.30 23.52
N VAL C 130 8.79 14.51 22.44
CA VAL C 130 9.29 15.32 21.33
C VAL C 130 9.97 16.67 21.73
N PRO C 131 9.32 17.50 22.59
CA PRO C 131 10.02 18.74 23.00
C PRO C 131 11.39 18.48 23.63
N VAL C 132 11.49 17.45 24.45
CA VAL C 132 12.75 17.02 25.06
C VAL C 132 13.77 16.61 23.97
N MET C 133 13.30 15.86 22.98
CA MET C 133 14.14 15.41 21.85
C MET C 133 14.63 16.57 20.97
N ARG C 134 13.77 17.57 20.77
CA ARG C 134 14.13 18.75 19.96
C ARG C 134 15.26 19.51 20.63
N LYS C 135 15.10 19.76 21.92
CA LYS C 135 16.14 20.38 22.72
C LYS C 135 17.46 19.59 22.65
N GLN C 136 17.35 18.27 22.56
CA GLN C 136 18.53 17.40 22.49
C GLN C 136 19.15 17.42 21.10
N ASN C 137 18.35 17.84 20.12
CA ASN C 137 18.69 17.69 18.69
C ASN C 137 18.87 16.22 18.30
N PHE C 138 18.20 15.33 19.02
CA PHE C 138 18.33 13.88 18.82
C PHE C 138 17.12 13.13 19.35
N GLY C 139 16.62 12.19 18.56
CA GLY C 139 15.58 11.30 19.05
C GLY C 139 15.37 10.10 18.17
N ARG C 140 14.92 9.01 18.77
CA ARG C 140 14.55 7.81 18.05
C ARG C 140 13.21 7.37 18.58
N ILE C 141 12.20 7.42 17.74
CA ILE C 141 10.85 6.99 18.11
C ILE C 141 10.60 5.68 17.40
N ILE C 142 10.17 4.68 18.17
CA ILE C 142 9.90 3.34 17.66
C ILE C 142 8.48 2.90 17.98
N ASN C 143 7.67 2.73 16.94
CA ASN C 143 6.33 2.20 17.15
C ASN C 143 6.26 0.75 16.69
N TYR C 144 5.20 0.05 17.10
CA TYR C 144 4.94 -1.31 16.65
C TYR C 144 3.66 -1.37 15.85
N GLY C 145 3.69 -2.14 14.77
CA GLY C 145 2.49 -2.44 14.00
C GLY C 145 2.27 -3.93 14.02
N PHE C 146 1.74 -4.47 12.93
CA PHE C 146 1.60 -5.92 12.78
C PHE C 146 1.92 -6.19 11.33
N GLN C 147 2.07 -7.46 10.96
CA GLN C 147 2.45 -7.81 9.59
C GLN C 147 1.43 -7.34 8.55
N GLY C 148 1.92 -6.61 7.56
CA GLY C 148 1.08 -6.10 6.48
C GLY C 148 0.47 -4.74 6.78
N ALA C 149 0.68 -4.24 7.99
CA ALA C 149 0.09 -2.98 8.44
C ALA C 149 0.31 -1.81 7.47
N ASP C 150 1.40 -1.86 6.72
CA ASP C 150 1.75 -0.77 5.81
C ASP C 150 0.75 -0.62 4.65
N SER C 151 0.00 -1.68 4.36
CA SER C 151 -0.98 -1.63 3.29
C SER C 151 -2.40 -1.23 3.77
N ALA C 152 -2.50 -0.74 5.00
CA ALA C 152 -3.80 -0.36 5.59
C ALA C 152 -4.83 -1.48 5.41
N PRO C 153 -4.51 -2.66 5.93
CA PRO C 153 -5.41 -3.78 5.70
C PRO C 153 -6.43 -3.92 6.80
N GLY C 154 -7.58 -4.49 6.45
CA GLY C 154 -8.52 -4.98 7.41
C GLY C 154 -7.99 -6.27 7.99
N TRP C 155 -8.57 -6.69 9.11
CA TRP C 155 -8.14 -7.88 9.79
C TRP C 155 -9.32 -8.45 10.53
N ILE C 156 -9.87 -9.52 9.97
CA ILE C 156 -11.05 -10.17 10.52
C ILE C 156 -10.83 -10.52 12.00
N TYR C 157 -11.77 -10.10 12.84
CA TYR C 157 -11.74 -10.30 14.30
C TYR C 157 -10.73 -9.47 15.06
N ARG C 158 -9.97 -8.62 14.37
CA ARG C 158 -9.04 -7.68 15.01
C ARG C 158 -9.30 -6.24 14.59
N SER C 159 -10.56 -5.95 14.31
CA SER C 159 -10.96 -4.65 13.80
C SER C 159 -10.35 -3.45 14.54
N ALA C 160 -10.57 -3.36 15.85
CA ALA C 160 -10.18 -2.18 16.61
C ALA C 160 -8.67 -2.06 16.71
N PHE C 161 -8.02 -3.18 17.02
CA PHE C 161 -6.55 -3.23 17.10
C PHE C 161 -5.95 -2.81 15.77
N ALA C 162 -6.46 -3.39 14.68
CA ALA C 162 -5.94 -3.12 13.35
C ALA C 162 -6.12 -1.67 12.94
N ALA C 163 -7.31 -1.12 13.16
CA ALA C 163 -7.59 0.30 12.89
C ALA C 163 -6.64 1.24 13.63
N ALA C 164 -6.40 0.98 14.91
CA ALA C 164 -5.56 1.84 15.71
C ALA C 164 -4.10 1.70 15.28
N LYS C 165 -3.71 0.49 14.89
CA LYS C 165 -2.33 0.22 14.48
C LYS C 165 -2.03 0.75 13.07
N VAL C 166 -3.05 0.70 12.22
CA VAL C 166 -2.97 1.25 10.87
C VAL C 166 -2.93 2.79 10.93
N GLY C 167 -3.81 3.39 11.74
CA GLY C 167 -3.70 4.81 12.08
C GLY C 167 -2.31 5.16 12.58
N LEU C 168 -1.74 4.30 13.42
CA LEU C 168 -0.41 4.53 13.95
C LEU C 168 0.69 4.58 12.86
N VAL C 169 0.50 3.83 11.76
CA VAL C 169 1.39 3.87 10.61
C VAL C 169 1.45 5.29 10.01
N SER C 170 0.26 5.84 9.78
CA SER C 170 0.12 7.20 9.29
C SER C 170 0.87 8.15 10.22
N LEU C 171 0.61 8.00 11.51
CA LEU C 171 1.19 8.84 12.56
C LEU C 171 2.72 8.78 12.65
N THR C 172 3.28 7.60 12.41
CA THR C 172 4.72 7.42 12.47
C THR C 172 5.34 8.15 11.30
N LYS C 173 4.65 8.12 10.17
CA LYS C 173 5.13 8.77 8.97
C LYS C 173 5.08 10.30 9.09
N THR C 174 3.94 10.83 9.55
CA THR C 174 3.72 12.27 9.74
C THR C 174 4.77 12.85 10.68
N VAL C 175 5.00 12.15 11.79
CA VAL C 175 5.97 12.53 12.79
C VAL C 175 7.40 12.44 12.27
N ALA C 176 7.67 11.47 11.40
CA ALA C 176 8.97 11.41 10.74
C ALA C 176 9.23 12.65 9.87
N TYR C 177 8.21 13.09 9.13
CA TYR C 177 8.34 14.26 8.28
C TYR C 177 8.45 15.55 9.10
N GLU C 178 7.55 15.71 10.07
CA GLU C 178 7.50 16.91 10.89
C GLU C 178 8.73 17.11 11.80
N GLU C 179 9.36 16.03 12.26
CA GLU C 179 10.43 16.18 13.25
C GLU C 179 11.85 15.93 12.71
N ALA C 180 11.94 15.55 11.43
CA ALA C 180 13.23 15.30 10.76
C ALA C 180 14.29 16.37 11.03
N GLU C 181 13.89 17.64 10.92
CA GLU C 181 14.78 18.79 11.08
C GLU C 181 15.39 18.93 12.48
N TYR C 182 14.92 18.15 13.43
CA TYR C 182 15.44 18.20 14.78
C TYR C 182 16.31 17.01 15.15
N GLY C 183 16.67 16.17 14.18
CA GLY C 183 17.48 14.98 14.46
C GLY C 183 16.68 13.85 15.08
N ILE C 184 15.36 13.88 14.89
CA ILE C 184 14.46 12.87 15.41
C ILE C 184 14.00 12.02 14.26
N THR C 185 14.07 10.70 14.42
CA THR C 185 13.51 9.75 13.45
C THR C 185 12.37 8.98 14.08
N ALA C 186 11.39 8.62 13.27
CA ALA C 186 10.35 7.73 13.75
C ALA C 186 10.27 6.55 12.79
N ASN C 187 10.23 5.35 13.36
CA ASN C 187 10.11 4.13 12.57
C ASN C 187 9.21 3.13 13.25
N MET C 188 8.62 2.26 12.44
CA MET C 188 7.77 1.19 12.94
C MET C 188 8.41 -0.18 12.70
N VAL C 189 8.29 -1.04 13.70
CA VAL C 189 8.65 -2.44 13.63
C VAL C 189 7.36 -3.26 13.71
N CYS C 190 7.23 -4.23 12.81
CA CYS C 190 6.07 -5.10 12.76
C CYS C 190 6.47 -6.55 13.02
N PRO C 191 6.21 -7.05 14.24
CA PRO C 191 6.49 -8.46 14.50
C PRO C 191 5.39 -9.37 13.94
N GLY C 192 5.78 -10.56 13.49
CA GLY C 192 4.82 -11.59 13.09
C GLY C 192 4.25 -12.29 14.31
N ASP C 193 3.78 -13.52 14.12
CA ASP C 193 3.27 -14.30 15.25
C ASP C 193 4.41 -14.93 16.04
N ILE C 194 4.84 -14.21 17.07
CA ILE C 194 5.71 -14.77 18.09
C ILE C 194 4.74 -15.20 19.18
N ILE C 195 4.71 -16.49 19.48
CA ILE C 195 3.75 -17.00 20.45
C ILE C 195 4.44 -17.56 21.69
N GLY C 196 3.80 -17.35 22.85
CA GLY C 196 4.20 -17.99 24.09
C GLY C 196 5.58 -17.62 24.55
N GLU C 197 6.39 -18.64 24.84
CA GLU C 197 7.72 -18.46 25.42
C GLU C 197 8.70 -17.75 24.48
N MET C 198 8.44 -17.85 23.18
CA MET C 198 9.36 -17.28 22.19
C MET C 198 9.42 -15.75 22.26
N LYS C 199 8.37 -15.13 22.79
CA LYS C 199 8.36 -13.68 22.99
C LYS C 199 9.52 -13.20 23.87
N GLU C 200 9.85 -13.99 24.89
CA GLU C 200 10.93 -13.65 25.83
C GLU C 200 12.23 -14.38 25.48
N ALA C 201 12.17 -15.22 24.45
CA ALA C 201 13.31 -16.07 24.08
C ALA C 201 14.42 -15.34 23.32
N THR C 202 15.60 -15.94 23.36
CA THR C 202 16.77 -15.49 22.62
C THR C 202 16.76 -16.20 21.26
N ILE C 203 17.50 -15.65 20.29
CA ILE C 203 17.64 -16.28 18.96
C ILE C 203 18.31 -17.65 19.05
N GLN C 204 19.33 -17.77 19.91
CA GLN C 204 19.98 -19.04 20.17
C GLN C 204 18.98 -20.12 20.59
N GLU C 205 18.17 -19.81 21.61
CA GLU C 205 17.18 -20.74 22.13
C GLU C 205 16.25 -21.24 21.03
N ALA C 206 15.69 -20.32 20.24
CA ALA C 206 14.84 -20.66 19.10
C ALA C 206 15.50 -21.62 18.12
N ARG C 207 16.80 -21.44 17.89
CA ARG C 207 17.55 -22.29 16.94
C ARG C 207 17.66 -23.73 17.41
N GLN C 208 17.54 -23.95 18.73
CA GLN C 208 17.64 -25.29 19.32
C GLN C 208 16.28 -25.98 19.40
N LEU C 209 15.22 -25.25 19.09
CA LEU C 209 13.85 -25.78 19.10
C LEU C 209 13.23 -25.76 17.70
N ARG C 218 12.68 -22.06 12.29
CA ARG C 218 12.70 -21.54 13.67
C ARG C 218 11.67 -20.45 13.87
N SER C 219 11.06 -20.44 15.05
CA SER C 219 10.13 -19.38 15.44
C SER C 219 10.89 -18.07 15.61
N GLY C 220 10.25 -16.97 15.21
CA GLY C 220 10.75 -15.65 15.54
C GLY C 220 10.76 -15.47 17.03
N THR C 221 11.60 -14.55 17.51
CA THR C 221 11.71 -14.28 18.94
C THR C 221 11.64 -12.78 19.24
N GLY C 222 11.60 -12.46 20.54
CA GLY C 222 11.74 -11.09 21.01
C GLY C 222 13.09 -10.51 20.64
N GLU C 223 14.13 -11.34 20.62
CA GLU C 223 15.47 -10.84 20.29
C GLU C 223 15.59 -10.39 18.83
N ASP C 224 14.79 -11.00 17.95
CA ASP C 224 14.69 -10.55 16.56
C ASP C 224 14.20 -9.10 16.50
N ILE C 225 13.17 -8.80 17.29
CA ILE C 225 12.63 -7.45 17.38
C ILE C 225 13.64 -6.51 18.02
N ALA C 226 14.27 -6.99 19.08
CA ALA C 226 15.25 -6.25 19.85
C ALA C 226 16.40 -5.76 18.98
N ARG C 227 16.95 -6.63 18.13
CA ARG C 227 18.12 -6.25 17.35
C ARG C 227 17.78 -5.29 16.20
N THR C 228 16.54 -5.35 15.72
CA THR C 228 16.05 -4.39 14.73
C THR C 228 15.96 -3.00 15.37
N ILE C 229 15.31 -2.96 16.53
CA ILE C 229 15.18 -1.75 17.32
C ILE C 229 16.54 -1.15 17.70
N SER C 230 17.48 -2.01 18.05
CA SER C 230 18.83 -1.57 18.38
C SER C 230 19.56 -0.92 17.17
N PHE C 231 19.40 -1.52 15.99
CA PHE C 231 19.97 -0.99 14.76
C PHE C 231 19.33 0.37 14.39
N LEU C 232 18.01 0.48 14.53
CA LEU C 232 17.34 1.77 14.26
C LEU C 232 17.77 2.88 15.24
N CYS C 233 18.17 2.49 16.45
CA CYS C 233 18.54 3.42 17.51
C CYS C 233 19.97 3.95 17.42
N GLU C 234 20.82 3.32 16.60
CA GLU C 234 22.23 3.72 16.45
C GLU C 234 22.35 5.15 15.90
N ASP C 235 23.46 5.82 16.23
CA ASP C 235 23.74 7.19 15.82
C ASP C 235 23.75 7.37 14.29
N ASP C 236 24.21 6.35 13.58
CA ASP C 236 24.34 6.42 12.13
C ASP C 236 23.12 5.92 11.37
N SER C 237 22.02 5.68 12.08
CA SER C 237 20.73 5.38 11.44
C SER C 237 19.88 6.62 11.30
N ASP C 238 20.53 7.79 11.25
CA ASP C 238 19.80 9.06 11.12
C ASP C 238 19.04 9.21 9.79
N MET C 239 19.47 8.49 8.76
CA MET C 239 18.79 8.56 7.46
C MET C 239 17.60 7.60 7.33
N ILE C 240 17.49 6.63 8.26
CA ILE C 240 16.34 5.73 8.27
C ILE C 240 15.18 6.36 9.04
N THR C 241 14.13 6.71 8.33
CA THR C 241 12.97 7.28 8.98
C THR C 241 11.69 7.10 8.18
N GLY C 242 10.57 7.00 8.90
CA GLY C 242 9.26 6.80 8.31
C GLY C 242 9.14 5.47 7.61
N THR C 243 9.95 4.50 8.04
CA THR C 243 9.89 3.17 7.46
C THR C 243 9.15 2.19 8.36
N ILE C 244 8.59 1.17 7.75
CA ILE C 244 7.99 0.07 8.46
C ILE C 244 8.81 -1.20 8.17
N ILE C 245 9.38 -1.79 9.22
CA ILE C 245 10.24 -2.97 9.06
C ILE C 245 9.56 -4.23 9.61
N GLU C 246 9.23 -5.14 8.72
CA GLU C 246 8.58 -6.41 9.09
C GLU C 246 9.59 -7.45 9.53
N VAL C 247 9.35 -8.03 10.71
CA VAL C 247 10.20 -9.08 11.23
C VAL C 247 9.30 -10.27 11.46
N THR C 248 8.82 -10.82 10.36
CA THR C 248 7.81 -11.87 10.40
C THR C 248 8.37 -13.23 9.96
N GLY C 249 9.50 -13.21 9.27
CA GLY C 249 10.09 -14.40 8.67
C GLY C 249 9.19 -15.05 7.64
N ALA C 250 8.52 -14.23 6.81
CA ALA C 250 7.69 -14.70 5.70
C ALA C 250 6.52 -15.60 6.11
N VAL C 251 5.98 -15.36 7.29
CA VAL C 251 4.78 -16.07 7.76
C VAL C 251 3.58 -15.12 7.72
N ASP C 252 2.56 -15.49 6.97
CA ASP C 252 1.31 -14.73 6.97
C ASP C 252 0.61 -14.89 8.32
N VAL C 253 0.22 -13.76 8.90
CA VAL C 253 -0.51 -13.73 10.17
C VAL C 253 -1.99 -13.39 9.96
N ILE C 254 -2.26 -12.34 9.18
CA ILE C 254 -3.57 -11.68 9.19
C ILE C 254 -4.61 -12.25 8.20
N HIS C 255 -4.24 -13.30 7.46
CA HIS C 255 -5.11 -13.85 6.40
C HIS C 255 -5.54 -15.30 6.62
N PHE D 6 -20.98 9.69 -34.02
CA PHE D 6 -20.71 9.96 -32.57
C PHE D 6 -21.24 8.84 -31.65
N VAL D 7 -20.97 7.60 -32.05
CA VAL D 7 -21.17 6.42 -31.22
C VAL D 7 -19.77 6.05 -30.77
N ARG D 8 -19.57 5.89 -29.46
CA ARG D 8 -18.24 5.62 -28.95
C ARG D 8 -17.70 4.23 -29.34
N HIS D 9 -16.38 4.14 -29.52
CA HIS D 9 -15.75 2.90 -29.95
C HIS D 9 -14.78 2.27 -28.92
N ALA D 10 -14.98 0.99 -28.64
CA ALA D 10 -14.11 0.29 -27.70
C ALA D 10 -13.19 -0.70 -28.41
N LEU D 11 -11.96 -0.79 -27.92
CA LEU D 11 -11.03 -1.82 -28.35
C LEU D 11 -10.79 -2.72 -27.14
N ILE D 12 -11.10 -4.00 -27.28
CA ILE D 12 -10.92 -4.96 -26.19
C ILE D 12 -10.09 -6.17 -26.61
N THR D 13 -9.02 -6.43 -25.89
CA THR D 13 -8.19 -7.58 -26.21
C THR D 13 -8.78 -8.85 -25.61
N ALA D 14 -8.86 -9.91 -26.42
CA ALA D 14 -9.38 -11.23 -26.00
C ALA D 14 -10.84 -11.19 -25.53
N GLY D 15 -11.69 -10.53 -26.30
CA GLY D 15 -13.05 -10.31 -25.85
C GLY D 15 -14.11 -11.26 -26.35
N THR D 16 -13.72 -12.50 -26.69
CA THR D 16 -14.69 -13.47 -27.21
C THR D 16 -14.94 -14.61 -26.24
N LYS D 17 -14.08 -14.71 -25.22
CA LYS D 17 -14.23 -15.72 -24.19
C LYS D 17 -13.97 -15.15 -22.80
N GLY D 18 -14.24 -15.97 -21.78
CA GLY D 18 -14.04 -15.58 -20.37
C GLY D 18 -14.72 -14.28 -20.00
N LEU D 19 -14.07 -13.54 -19.10
CA LEU D 19 -14.51 -12.22 -18.67
C LEU D 19 -14.81 -11.28 -19.86
N GLY D 20 -13.90 -11.27 -20.84
CA GLY D 20 -13.97 -10.36 -21.98
C GLY D 20 -15.20 -10.49 -22.87
N LYS D 21 -15.76 -11.69 -22.91
CA LYS D 21 -17.00 -11.92 -23.64
C LYS D 21 -18.13 -11.09 -23.02
N GLN D 22 -18.30 -11.19 -21.69
CA GLN D 22 -19.36 -10.42 -21.04
C GLN D 22 -19.12 -8.91 -21.17
N VAL D 23 -17.84 -8.48 -21.12
CA VAL D 23 -17.53 -7.07 -21.31
C VAL D 23 -18.01 -6.62 -22.70
N THR D 24 -17.63 -7.37 -23.73
CA THR D 24 -18.12 -7.11 -25.09
C THR D 24 -19.64 -7.02 -25.21
N GLU D 25 -20.34 -8.02 -24.69
CA GLU D 25 -21.81 -8.02 -24.68
C GLU D 25 -22.40 -6.83 -23.93
N LYS D 26 -21.74 -6.40 -22.86
CA LYS D 26 -22.17 -5.23 -22.07
C LYS D 26 -22.11 -3.93 -22.89
N LEU D 27 -20.98 -3.70 -23.55
CA LEU D 27 -20.76 -2.48 -24.33
C LEU D 27 -21.67 -2.40 -25.56
N LEU D 28 -21.88 -3.53 -26.22
CA LEU D 28 -22.81 -3.58 -27.33
C LEU D 28 -24.20 -3.23 -26.85
N ALA D 29 -24.63 -3.86 -25.77
CA ALA D 29 -25.94 -3.56 -25.16
C ALA D 29 -26.11 -2.07 -24.84
N LYS D 30 -25.00 -1.38 -24.60
CA LYS D 30 -25.02 0.04 -24.27
C LYS D 30 -25.11 0.93 -25.50
N GLY D 31 -25.05 0.33 -26.69
CA GLY D 31 -25.05 1.08 -27.96
C GLY D 31 -23.65 1.35 -28.52
N TYR D 32 -22.61 0.87 -27.83
CA TYR D 32 -21.24 1.05 -28.31
C TYR D 32 -20.84 0.14 -29.49
N SER D 33 -19.88 0.61 -30.27
CA SER D 33 -19.25 -0.21 -31.29
C SER D 33 -17.94 -0.75 -30.73
N VAL D 34 -17.58 -1.97 -31.12
CA VAL D 34 -16.49 -2.72 -30.48
C VAL D 34 -15.55 -3.40 -31.48
N THR D 35 -14.26 -3.31 -31.22
CA THR D 35 -13.27 -4.12 -31.89
C THR D 35 -12.81 -5.19 -30.88
N VAL D 36 -12.93 -6.45 -31.27
CA VAL D 36 -12.59 -7.56 -30.39
C VAL D 36 -11.43 -8.34 -30.99
N THR D 37 -10.39 -8.56 -30.19
CA THR D 37 -9.31 -9.45 -30.62
C THR D 37 -9.54 -10.88 -30.14
N TYR D 38 -8.96 -11.84 -30.85
CA TYR D 38 -8.93 -13.22 -30.40
C TYR D 38 -7.63 -13.82 -30.87
N HIS D 39 -7.27 -14.95 -30.27
CA HIS D 39 -6.00 -15.61 -30.56
C HIS D 39 -6.25 -17.00 -31.12
N THR D 42 -11.41 -19.52 -32.27
CA THR D 42 -11.90 -19.18 -33.60
C THR D 42 -13.33 -19.68 -33.88
N THR D 43 -13.70 -20.79 -33.24
CA THR D 43 -15.09 -21.28 -33.23
C THR D 43 -15.95 -20.45 -32.25
N ALA D 44 -15.32 -19.98 -31.17
CA ALA D 44 -15.95 -19.07 -30.22
C ALA D 44 -16.20 -17.70 -30.85
N MET D 45 -15.22 -17.19 -31.60
CA MET D 45 -15.39 -15.92 -32.32
C MET D 45 -16.52 -16.03 -33.36
N GLU D 46 -16.56 -17.15 -34.07
CA GLU D 46 -17.56 -17.38 -35.11
C GLU D 46 -18.99 -17.41 -34.56
N THR D 47 -19.15 -17.89 -33.33
CA THR D 47 -20.48 -17.93 -32.69
C THR D 47 -20.91 -16.55 -32.20
N MET D 48 -19.94 -15.76 -31.74
CA MET D 48 -20.19 -14.37 -31.39
C MET D 48 -20.62 -13.57 -32.63
N LYS D 49 -19.83 -13.66 -33.70
CA LYS D 49 -20.15 -13.01 -34.98
C LYS D 49 -21.58 -13.32 -35.40
N GLU D 50 -22.00 -14.57 -35.19
CA GLU D 50 -23.34 -15.03 -35.58
C GLU D 50 -24.43 -14.51 -34.65
N THR D 51 -24.19 -14.56 -33.33
CA THR D 51 -25.12 -13.99 -32.34
C THR D 51 -25.48 -12.54 -32.69
N TYR D 52 -24.48 -11.75 -33.09
CA TYR D 52 -24.69 -10.32 -33.37
C TYR D 52 -24.66 -9.97 -34.86
N LYS D 53 -25.16 -10.91 -35.67
CA LYS D 53 -25.40 -10.71 -37.11
C LYS D 53 -26.10 -9.37 -37.44
N ASP D 54 -27.14 -9.05 -36.67
CA ASP D 54 -28.00 -7.90 -36.95
C ASP D 54 -27.36 -6.55 -36.59
N VAL D 55 -26.38 -6.57 -35.69
CA VAL D 55 -25.60 -5.36 -35.40
C VAL D 55 -24.14 -5.44 -35.87
N GLU D 56 -23.90 -6.08 -37.03
CA GLU D 56 -22.53 -6.39 -37.51
C GLU D 56 -21.61 -5.19 -37.76
N GLU D 57 -22.20 -4.03 -38.05
CA GLU D 57 -21.41 -2.81 -38.34
C GLU D 57 -20.72 -2.28 -37.09
N ARG D 58 -21.31 -2.58 -35.92
CA ARG D 58 -20.80 -2.13 -34.62
C ARG D 58 -19.83 -3.13 -33.96
N LEU D 59 -19.58 -4.25 -34.64
CA LEU D 59 -18.72 -5.30 -34.11
C LEU D 59 -17.69 -5.77 -35.15
N GLN D 60 -16.41 -5.67 -34.80
CA GLN D 60 -15.32 -6.02 -35.68
C GLN D 60 -14.40 -7.03 -34.98
N PHE D 61 -14.08 -8.12 -35.65
CA PHE D 61 -13.15 -9.11 -35.09
C PHE D 61 -11.77 -9.06 -35.74
N VAL D 62 -10.72 -9.03 -34.91
CA VAL D 62 -9.36 -9.10 -35.43
C VAL D 62 -8.60 -10.19 -34.70
N GLN D 63 -7.90 -11.02 -35.45
CA GLN D 63 -7.03 -12.04 -34.87
C GLN D 63 -5.73 -11.36 -34.41
N ALA D 64 -5.28 -11.64 -33.18
CA ALA D 64 -4.02 -11.07 -32.66
C ALA D 64 -3.44 -11.78 -31.45
N ASP D 65 -2.12 -11.92 -31.43
CA ASP D 65 -1.35 -12.39 -30.27
C ASP D 65 -0.81 -11.15 -29.53
N VAL D 66 -1.35 -10.86 -28.35
CA VAL D 66 -0.97 -9.64 -27.64
C VAL D 66 0.51 -9.55 -27.21
N THR D 67 1.22 -10.68 -27.21
CA THR D 67 2.68 -10.67 -26.96
C THR D 67 3.49 -10.16 -28.17
N LYS D 68 2.84 -10.00 -29.32
CA LYS D 68 3.54 -9.62 -30.57
C LYS D 68 3.25 -8.17 -30.94
N LYS D 69 4.31 -7.35 -31.01
CA LYS D 69 4.16 -5.93 -31.31
C LYS D 69 3.39 -5.66 -32.62
N GLU D 70 3.73 -6.39 -33.68
CA GLU D 70 3.12 -6.17 -35.01
C GLU D 70 1.62 -6.36 -34.96
N ASP D 71 1.19 -7.43 -34.27
CA ASP D 71 -0.24 -7.75 -34.14
C ASP D 71 -0.97 -6.65 -33.39
N LEU D 72 -0.29 -6.02 -32.44
CA LEU D 72 -0.88 -4.90 -31.71
C LEU D 72 -1.03 -3.67 -32.60
N HIS D 73 -0.02 -3.41 -33.44
CA HIS D 73 -0.08 -2.33 -34.41
C HIS D 73 -1.25 -2.52 -35.39
N LYS D 74 -1.46 -3.77 -35.80
CA LYS D 74 -2.51 -4.11 -36.75
C LYS D 74 -3.93 -4.02 -36.17
N ILE D 75 -4.13 -4.28 -34.88
CA ILE D 75 -5.47 -4.13 -34.33
C ILE D 75 -5.85 -2.66 -34.18
N VAL D 76 -4.86 -1.83 -33.89
CA VAL D 76 -5.11 -0.40 -33.84
C VAL D 76 -5.39 0.16 -35.23
N GLU D 77 -4.56 -0.22 -36.21
CA GLU D 77 -4.77 0.20 -37.60
C GLU D 77 -6.15 -0.21 -38.15
N GLU D 78 -6.61 -1.41 -37.79
CA GLU D 78 -7.90 -1.92 -38.29
C GLU D 78 -9.10 -1.27 -37.59
N ALA D 79 -8.96 -1.02 -36.29
CA ALA D 79 -9.96 -0.26 -35.55
C ALA D 79 -10.08 1.16 -36.11
N MET D 80 -8.95 1.82 -36.34
CA MET D 80 -8.94 3.18 -36.88
C MET D 80 -9.53 3.25 -38.30
N SER D 81 -9.15 2.31 -39.15
CA SER D 81 -9.66 2.22 -40.52
C SER D 81 -11.18 2.14 -40.61
N HIS D 82 -11.78 1.31 -39.76
CA HIS D 82 -13.23 1.10 -39.83
C HIS D 82 -14.04 2.07 -38.96
N PHE D 83 -13.43 2.61 -37.90
CA PHE D 83 -14.20 3.41 -36.94
C PHE D 83 -13.72 4.83 -36.73
N GLY D 84 -12.46 5.10 -37.09
CA GLY D 84 -11.92 6.46 -37.01
C GLY D 84 -11.56 6.94 -35.60
N LYS D 85 -11.83 6.13 -34.59
CA LYS D 85 -11.62 6.51 -33.20
C LYS D 85 -11.48 5.30 -32.30
N ILE D 86 -10.75 5.50 -31.21
CA ILE D 86 -10.72 4.56 -30.11
C ILE D 86 -11.00 5.35 -28.82
N ASP D 87 -12.24 5.23 -28.33
CA ASP D 87 -12.70 5.88 -27.08
C ASP D 87 -12.35 5.11 -25.80
N PHE D 88 -12.38 3.77 -25.86
CA PHE D 88 -12.12 2.90 -24.71
C PHE D 88 -11.11 1.81 -25.07
N LEU D 89 -10.08 1.66 -24.25
CA LEU D 89 -9.12 0.58 -24.41
C LEU D 89 -9.24 -0.29 -23.17
N ILE D 90 -9.72 -1.52 -23.39
CA ILE D 90 -9.85 -2.51 -22.33
C ILE D 90 -8.84 -3.64 -22.50
N ASN D 91 -7.83 -3.64 -21.66
CA ASN D 91 -6.71 -4.55 -21.77
C ASN D 91 -7.04 -5.84 -21.07
N ASN D 92 -8.13 -6.45 -21.50
CA ASN D 92 -8.68 -7.62 -20.86
C ASN D 92 -7.76 -8.84 -20.97
N ALA D 93 -6.99 -8.91 -22.04
CA ALA D 93 -6.09 -10.02 -22.26
C ALA D 93 -5.02 -10.09 -21.18
N GLY D 94 -4.84 -11.27 -20.63
CA GLY D 94 -3.89 -11.49 -19.55
C GLY D 94 -3.39 -12.92 -19.54
N PRO D 95 -2.37 -13.23 -20.36
CA PRO D 95 -1.74 -14.54 -20.29
C PRO D 95 -1.42 -14.93 -18.85
N TYR D 96 -1.72 -16.18 -18.50
CA TYR D 96 -1.64 -16.67 -17.14
C TYR D 96 -0.98 -18.05 -17.11
N VAL D 97 0.07 -18.19 -16.31
CA VAL D 97 0.70 -19.48 -16.08
C VAL D 97 -0.06 -20.15 -14.94
N PHE D 98 -0.95 -21.08 -15.31
CA PHE D 98 -1.81 -21.78 -14.35
C PHE D 98 -1.03 -22.74 -13.45
N GLU D 99 0.09 -23.28 -13.98
CA GLU D 99 0.97 -24.12 -13.17
C GLU D 99 1.45 -23.34 -11.95
N ARG D 100 1.53 -24.04 -10.83
CA ARG D 100 2.07 -23.49 -9.59
C ARG D 100 3.49 -23.97 -9.42
N LYS D 101 4.45 -23.08 -9.66
CA LYS D 101 5.86 -23.36 -9.40
C LYS D 101 6.65 -22.14 -8.94
N LYS D 102 7.83 -22.38 -8.37
CA LYS D 102 8.64 -21.30 -7.80
C LYS D 102 9.38 -20.52 -8.90
N LEU D 103 9.63 -19.24 -8.66
CA LEU D 103 10.31 -18.39 -9.63
C LEU D 103 11.56 -19.06 -10.22
N VAL D 104 12.34 -19.70 -9.35
CA VAL D 104 13.60 -20.33 -9.75
C VAL D 104 13.37 -21.49 -10.75
N ASP D 105 12.12 -21.93 -10.88
CA ASP D 105 11.78 -23.05 -11.78
C ASP D 105 11.11 -22.59 -13.08
N TYR D 106 11.01 -21.28 -13.26
CA TYR D 106 10.41 -20.73 -14.47
C TYR D 106 11.32 -20.86 -15.69
N GLU D 107 10.74 -21.33 -16.78
CA GLU D 107 11.43 -21.29 -18.07
C GLU D 107 11.47 -19.86 -18.54
N GLU D 108 12.54 -19.51 -19.22
CA GLU D 108 12.69 -18.18 -19.78
C GLU D 108 11.48 -17.79 -20.67
N ASP D 109 10.91 -18.76 -21.38
CA ASP D 109 9.75 -18.55 -22.23
C ASP D 109 8.53 -18.15 -21.42
N GLU D 110 8.36 -18.80 -20.26
CA GLU D 110 7.26 -18.48 -19.34
C GLU D 110 7.38 -17.08 -18.74
N TRP D 111 8.58 -16.73 -18.25
CA TRP D 111 8.85 -15.39 -17.73
C TRP D 111 8.50 -14.34 -18.78
N ASN D 112 9.18 -14.40 -19.93
CA ASN D 112 8.92 -13.47 -21.03
C ASN D 112 7.47 -13.38 -21.45
N GLU D 113 6.76 -14.49 -21.48
CA GLU D 113 5.34 -14.48 -21.82
C GLU D 113 4.50 -13.65 -20.85
N MET D 114 4.78 -13.81 -19.55
CA MET D 114 4.12 -13.02 -18.51
C MET D 114 4.40 -11.51 -18.62
N ILE D 115 5.67 -11.15 -18.81
CA ILE D 115 6.07 -9.74 -18.86
C ILE D 115 5.54 -9.05 -20.12
N GLN D 116 5.78 -9.68 -21.28
CA GLN D 116 5.34 -9.18 -22.57
C GLN D 116 3.84 -9.18 -22.68
N GLY D 117 3.22 -10.25 -22.18
CA GLY D 117 1.79 -10.39 -22.32
C GLY D 117 0.99 -9.46 -21.43
N ASN D 118 1.53 -9.17 -20.24
CA ASN D 118 0.80 -8.39 -19.20
C ASN D 118 1.28 -6.98 -18.94
N LEU D 119 2.54 -6.68 -19.20
CA LEU D 119 3.04 -5.35 -18.94
C LEU D 119 3.39 -4.65 -20.24
N THR D 120 4.26 -5.28 -21.02
CA THR D 120 4.79 -4.64 -22.22
C THR D 120 3.77 -4.49 -23.35
N ALA D 121 2.87 -5.46 -23.48
CA ALA D 121 1.73 -5.35 -24.38
C ALA D 121 0.96 -4.09 -24.11
N VAL D 122 0.84 -3.70 -22.83
CA VAL D 122 0.08 -2.49 -22.50
C VAL D 122 0.84 -1.25 -22.93
N PHE D 123 2.15 -1.22 -22.68
CA PHE D 123 2.98 -0.13 -23.14
C PHE D 123 2.78 0.07 -24.64
N HIS D 124 2.91 -1.03 -25.40
CA HIS D 124 2.83 -0.99 -26.86
C HIS D 124 1.51 -0.39 -27.33
N LEU D 125 0.41 -0.94 -26.81
CA LEU D 125 -0.93 -0.41 -27.07
C LEU D 125 -1.07 1.08 -26.76
N LEU D 126 -0.60 1.48 -25.58
CA LEU D 126 -0.68 2.87 -25.13
C LEU D 126 0.05 3.79 -26.08
N LYS D 127 1.25 3.38 -26.45
CA LYS D 127 2.07 4.08 -27.43
C LYS D 127 1.28 4.33 -28.74
N LEU D 128 0.35 3.44 -29.07
CA LEU D 128 -0.44 3.62 -30.29
C LEU D 128 -1.72 4.39 -30.02
N VAL D 129 -2.31 4.20 -28.85
CA VAL D 129 -3.67 4.63 -28.67
C VAL D 129 -3.75 5.98 -27.99
N VAL D 130 -2.85 6.26 -27.05
CA VAL D 130 -2.81 7.57 -26.41
C VAL D 130 -2.83 8.76 -27.41
N PRO D 131 -1.98 8.74 -28.47
CA PRO D 131 -2.07 9.89 -29.40
C PRO D 131 -3.45 10.12 -29.99
N VAL D 132 -4.16 9.05 -30.33
CA VAL D 132 -5.49 9.16 -30.88
C VAL D 132 -6.42 9.78 -29.81
N MET D 133 -6.39 9.23 -28.60
CA MET D 133 -7.14 9.74 -27.45
C MET D 133 -6.89 11.23 -27.19
N ARG D 134 -5.64 11.67 -27.30
CA ARG D 134 -5.26 13.08 -27.20
C ARG D 134 -5.92 13.97 -28.22
N LYS D 135 -5.95 13.51 -29.47
CA LYS D 135 -6.64 14.21 -30.53
C LYS D 135 -8.13 14.32 -30.24
N GLN D 136 -8.69 13.27 -29.63
CA GLN D 136 -10.12 13.22 -29.29
C GLN D 136 -10.47 14.09 -28.08
N ASN D 137 -9.47 14.38 -27.24
CA ASN D 137 -9.68 14.92 -25.90
C ASN D 137 -10.61 14.04 -25.09
N PHE D 138 -10.42 12.74 -25.27
CA PHE D 138 -11.21 11.73 -24.60
C PHE D 138 -10.53 10.38 -24.68
N GLY D 139 -10.46 9.69 -23.55
CA GLY D 139 -9.95 8.32 -23.54
C GLY D 139 -10.17 7.62 -22.21
N ARG D 140 -10.55 6.34 -22.28
CA ARG D 140 -10.68 5.52 -21.09
C ARG D 140 -9.81 4.28 -21.23
N ILE D 141 -8.82 4.18 -20.36
CA ILE D 141 -7.96 3.00 -20.34
C ILE D 141 -8.33 2.16 -19.13
N ILE D 142 -8.59 0.88 -19.38
CA ILE D 142 -8.93 -0.07 -18.33
C ILE D 142 -7.95 -1.24 -18.39
N ASN D 143 -7.15 -1.38 -17.32
CA ASN D 143 -6.24 -2.50 -17.18
C ASN D 143 -6.79 -3.47 -16.13
N TYR D 144 -6.34 -4.71 -16.17
CA TYR D 144 -6.77 -5.67 -15.17
C TYR D 144 -5.64 -5.96 -14.17
N GLY D 145 -6.01 -6.04 -12.90
CA GLY D 145 -5.09 -6.52 -11.88
C GLY D 145 -5.54 -7.84 -11.34
N PHE D 146 -5.20 -8.10 -10.08
CA PHE D 146 -5.68 -9.26 -9.35
C PHE D 146 -5.99 -8.76 -7.96
N GLN D 147 -6.66 -9.55 -7.14
CA GLN D 147 -7.10 -9.07 -5.83
C GLN D 147 -5.92 -8.81 -4.91
N GLY D 148 -5.87 -7.61 -4.32
CA GLY D 148 -4.78 -7.21 -3.44
C GLY D 148 -3.63 -6.52 -4.15
N ALA D 149 -3.76 -6.33 -5.46
CA ALA D 149 -2.71 -5.78 -6.32
C ALA D 149 -2.11 -4.44 -5.89
N ASP D 150 -2.93 -3.52 -5.40
CA ASP D 150 -2.46 -2.17 -5.08
C ASP D 150 -1.49 -2.12 -3.89
N SER D 151 -1.41 -3.20 -3.11
CA SER D 151 -0.46 -3.26 -2.01
C SER D 151 0.89 -3.85 -2.44
N ALA D 152 1.10 -4.00 -3.76
CA ALA D 152 2.34 -4.60 -4.30
C ALA D 152 2.73 -5.93 -3.61
N PRO D 153 1.78 -6.87 -3.53
CA PRO D 153 2.10 -8.07 -2.78
C PRO D 153 2.90 -9.10 -3.60
N GLY D 154 3.56 -10.01 -2.90
CA GLY D 154 4.06 -11.22 -3.53
C GLY D 154 2.93 -12.24 -3.62
N TRP D 155 3.03 -13.14 -4.58
CA TRP D 155 2.03 -14.16 -4.76
C TRP D 155 2.77 -15.47 -4.95
N ILE D 156 2.81 -16.28 -3.90
CA ILE D 156 3.54 -17.54 -3.98
C ILE D 156 3.03 -18.39 -5.17
N TYR D 157 3.99 -18.88 -5.96
CA TYR D 157 3.73 -19.69 -7.16
C TYR D 157 3.15 -18.92 -8.34
N ARG D 158 3.11 -17.59 -8.22
CA ARG D 158 2.62 -16.72 -9.28
C ARG D 158 3.57 -15.54 -9.46
N SER D 159 4.86 -15.80 -9.27
CA SER D 159 5.90 -14.77 -9.32
C SER D 159 5.76 -13.82 -10.49
N ALA D 160 5.98 -14.36 -11.69
CA ALA D 160 6.03 -13.56 -12.91
C ALA D 160 4.74 -12.80 -13.19
N PHE D 161 3.60 -13.49 -13.04
CA PHE D 161 2.28 -12.88 -13.29
C PHE D 161 2.08 -11.69 -12.35
N ALA D 162 2.30 -11.94 -11.05
CA ALA D 162 2.15 -10.93 -10.01
C ALA D 162 3.08 -9.74 -10.23
N ALA D 163 4.35 -10.03 -10.50
CA ALA D 163 5.32 -8.98 -10.84
C ALA D 163 4.86 -8.12 -12.03
N ALA D 164 4.40 -8.77 -13.09
CA ALA D 164 3.95 -8.04 -14.26
C ALA D 164 2.72 -7.21 -13.97
N LYS D 165 1.75 -7.77 -13.24
CA LYS D 165 0.54 -7.06 -12.88
C LYS D 165 0.74 -5.93 -11.86
N VAL D 166 1.60 -6.16 -10.86
CA VAL D 166 1.94 -5.13 -9.88
C VAL D 166 2.64 -3.97 -10.59
N GLY D 167 3.59 -4.29 -11.47
CA GLY D 167 4.22 -3.28 -12.34
C GLY D 167 3.15 -2.53 -13.13
N LEU D 168 2.15 -3.24 -13.61
CA LEU D 168 1.04 -2.62 -14.33
C LEU D 168 0.27 -1.61 -13.44
N VAL D 169 0.14 -1.91 -12.15
CA VAL D 169 -0.46 -0.97 -11.19
C VAL D 169 0.25 0.39 -11.21
N SER D 170 1.58 0.37 -11.10
CA SER D 170 2.39 1.59 -11.18
C SER D 170 2.12 2.34 -12.48
N LEU D 171 2.09 1.59 -13.57
CA LEU D 171 1.96 2.12 -14.92
C LEU D 171 0.59 2.76 -15.15
N THR D 172 -0.45 2.11 -14.64
CA THR D 172 -1.80 2.65 -14.71
C THR D 172 -1.85 4.02 -14.06
N LYS D 173 -1.19 4.12 -12.91
CA LYS D 173 -1.17 5.35 -12.13
C LYS D 173 -0.42 6.46 -12.85
N THR D 174 0.77 6.15 -13.37
CA THR D 174 1.62 7.10 -14.09
C THR D 174 0.89 7.65 -15.32
N VAL D 175 0.30 6.76 -16.09
CA VAL D 175 -0.44 7.16 -17.27
C VAL D 175 -1.63 8.03 -16.89
N ALA D 176 -2.25 7.74 -15.74
CA ALA D 176 -3.34 8.59 -15.27
C ALA D 176 -2.88 10.04 -15.05
N TYR D 177 -1.73 10.22 -14.39
CA TYR D 177 -1.20 11.57 -14.15
C TYR D 177 -0.67 12.27 -15.42
N GLU D 178 -0.01 11.52 -16.31
CA GLU D 178 0.57 12.10 -17.54
C GLU D 178 -0.49 12.53 -18.57
N GLU D 179 -1.66 11.87 -18.57
CA GLU D 179 -2.62 12.06 -19.65
C GLU D 179 -3.94 12.66 -19.19
N ALA D 180 -4.00 13.05 -17.91
CA ALA D 180 -5.18 13.67 -17.32
C ALA D 180 -5.54 14.93 -18.06
N GLU D 181 -4.51 15.67 -18.48
CA GLU D 181 -4.61 16.95 -19.21
C GLU D 181 -5.50 16.84 -20.43
N TYR D 182 -5.55 15.66 -21.02
CA TYR D 182 -6.10 15.47 -22.34
C TYR D 182 -7.47 14.78 -22.32
N GLY D 183 -8.10 14.70 -21.16
CA GLY D 183 -9.40 14.04 -21.04
C GLY D 183 -9.30 12.51 -20.99
N ILE D 184 -8.11 12.00 -20.71
CA ILE D 184 -7.91 10.56 -20.63
C ILE D 184 -7.81 10.07 -19.19
N THR D 185 -8.57 9.02 -18.86
CA THR D 185 -8.46 8.37 -17.55
C THR D 185 -7.92 6.95 -17.67
N ALA D 186 -7.13 6.56 -16.68
CA ALA D 186 -6.62 5.19 -16.62
C ALA D 186 -6.97 4.60 -15.28
N ASN D 187 -7.63 3.45 -15.29
CA ASN D 187 -8.00 2.73 -14.08
C ASN D 187 -7.76 1.24 -14.25
N MET D 188 -7.77 0.55 -13.11
CA MET D 188 -7.62 -0.88 -13.05
C MET D 188 -8.83 -1.50 -12.36
N VAL D 189 -9.29 -2.61 -12.89
CA VAL D 189 -10.29 -3.42 -12.23
C VAL D 189 -9.60 -4.73 -11.80
N CYS D 190 -9.83 -5.16 -10.56
CA CYS D 190 -9.29 -6.44 -10.09
C CYS D 190 -10.40 -7.47 -9.86
N PRO D 191 -10.51 -8.44 -10.77
CA PRO D 191 -11.46 -9.51 -10.52
C PRO D 191 -10.89 -10.48 -9.49
N GLY D 192 -11.77 -11.03 -8.65
CA GLY D 192 -11.38 -12.00 -7.64
C GLY D 192 -11.30 -13.37 -8.26
N ASP D 193 -11.77 -14.38 -7.53
CA ASP D 193 -11.79 -15.72 -8.10
C ASP D 193 -13.14 -15.95 -8.78
N ILE D 194 -13.16 -15.72 -10.09
CA ILE D 194 -14.31 -16.04 -10.90
C ILE D 194 -13.92 -17.30 -11.66
N ILE D 195 -14.59 -18.39 -11.33
CA ILE D 195 -14.17 -19.73 -11.79
C ILE D 195 -15.05 -20.25 -12.92
N GLY D 196 -14.37 -20.76 -13.97
CA GLY D 196 -14.98 -21.53 -15.06
C GLY D 196 -16.19 -20.93 -15.76
N GLU D 197 -17.32 -21.61 -15.65
CA GLU D 197 -18.57 -21.20 -16.30
C GLU D 197 -19.02 -19.80 -15.90
N MET D 198 -18.63 -19.37 -14.70
CA MET D 198 -19.07 -18.09 -14.18
C MET D 198 -18.38 -16.88 -14.81
N LYS D 199 -17.24 -17.08 -15.48
CA LYS D 199 -16.57 -16.02 -16.22
C LYS D 199 -17.47 -15.45 -17.31
N GLU D 200 -18.21 -16.32 -17.99
CA GLU D 200 -19.02 -15.93 -19.12
C GLU D 200 -20.49 -15.75 -18.71
N ALA D 201 -20.76 -15.90 -17.42
CA ALA D 201 -22.13 -15.85 -16.90
C ALA D 201 -22.60 -14.46 -16.44
N THR D 202 -23.92 -14.33 -16.34
CA THR D 202 -24.57 -13.10 -15.94
C THR D 202 -24.79 -13.08 -14.40
N ILE D 203 -25.01 -11.90 -13.83
CA ILE D 203 -25.37 -11.75 -12.41
C ILE D 203 -26.62 -12.57 -12.06
N GLN D 204 -27.67 -12.41 -12.87
CA GLN D 204 -28.89 -13.19 -12.75
C GLN D 204 -28.65 -14.69 -12.63
N GLU D 205 -27.75 -15.22 -13.46
CA GLU D 205 -27.43 -16.65 -13.46
C GLU D 205 -26.72 -17.09 -12.17
N ALA D 206 -25.73 -16.32 -11.73
CA ALA D 206 -25.05 -16.57 -10.46
C ALA D 206 -25.99 -16.54 -9.27
N ARG D 207 -27.00 -15.69 -9.34
CA ARG D 207 -27.96 -15.50 -8.28
C ARG D 207 -28.93 -16.69 -8.20
N GLN D 208 -29.00 -17.45 -9.30
CA GLN D 208 -29.83 -18.65 -9.37
C GLN D 208 -29.08 -19.87 -8.80
N LEU D 209 -27.73 -19.82 -8.87
CA LEU D 209 -26.79 -20.65 -8.07
C LEU D 209 -25.48 -20.95 -8.81
N ILE D 216 -19.72 -17.40 1.30
CA ILE D 216 -20.12 -16.01 1.52
C ILE D 216 -21.48 -15.72 0.88
N GLY D 217 -21.57 -15.93 -0.43
CA GLY D 217 -22.81 -15.69 -1.16
C GLY D 217 -22.69 -16.19 -2.58
N ARG D 218 -23.35 -15.49 -3.50
CA ARG D 218 -23.30 -15.81 -4.93
C ARG D 218 -21.89 -15.64 -5.49
N SER D 219 -21.58 -16.44 -6.51
CA SER D 219 -20.33 -16.32 -7.23
C SER D 219 -20.24 -14.96 -7.95
N GLY D 220 -19.03 -14.41 -8.02
CA GLY D 220 -18.76 -13.26 -8.89
C GLY D 220 -18.82 -13.73 -10.32
N THR D 221 -19.10 -12.80 -11.23
CA THR D 221 -19.28 -13.13 -12.65
C THR D 221 -18.60 -12.10 -13.54
N GLY D 222 -18.52 -12.44 -14.83
CA GLY D 222 -18.06 -11.52 -15.85
C GLY D 222 -18.90 -10.28 -15.94
N GLU D 223 -20.20 -10.40 -15.73
CA GLU D 223 -21.05 -9.21 -15.68
C GLU D 223 -20.64 -8.22 -14.58
N ASP D 224 -20.28 -8.71 -13.39
CA ASP D 224 -19.78 -7.86 -12.32
C ASP D 224 -18.63 -6.97 -12.80
N ILE D 225 -17.72 -7.54 -13.60
CA ILE D 225 -16.59 -6.79 -14.16
C ILE D 225 -17.10 -5.86 -15.24
N ALA D 226 -17.99 -6.40 -16.08
CA ALA D 226 -18.53 -5.67 -17.20
C ALA D 226 -19.26 -4.41 -16.74
N ARG D 227 -19.98 -4.48 -15.63
CA ARG D 227 -20.74 -3.29 -15.19
C ARG D 227 -19.83 -2.22 -14.54
N THR D 228 -18.75 -2.67 -13.92
CA THR D 228 -17.76 -1.77 -13.34
C THR D 228 -16.96 -1.05 -14.44
N ILE D 229 -16.54 -1.80 -15.46
CA ILE D 229 -15.87 -1.23 -16.63
C ILE D 229 -16.79 -0.22 -17.35
N SER D 230 -18.05 -0.62 -17.51
CA SER D 230 -19.05 0.23 -18.15
C SER D 230 -19.26 1.56 -17.40
N PHE D 231 -19.27 1.52 -16.07
CA PHE D 231 -19.33 2.71 -15.23
C PHE D 231 -18.09 3.63 -15.37
N LEU D 232 -16.89 3.06 -15.36
CA LEU D 232 -15.68 3.86 -15.59
C LEU D 232 -15.58 4.51 -17.00
N CYS D 233 -16.26 3.91 -17.98
CA CYS D 233 -16.25 4.40 -19.36
C CYS D 233 -17.26 5.50 -19.66
N GLU D 234 -18.18 5.76 -18.74
CA GLU D 234 -19.18 6.81 -18.96
C GLU D 234 -18.51 8.19 -19.09
N ASP D 235 -19.19 9.11 -19.78
CA ASP D 235 -18.73 10.49 -19.94
C ASP D 235 -18.48 11.19 -18.58
N ASP D 236 -19.40 11.01 -17.64
CA ASP D 236 -19.30 11.65 -16.33
C ASP D 236 -18.38 10.95 -15.31
N SER D 237 -17.60 9.98 -15.77
CA SER D 237 -16.63 9.32 -14.89
C SER D 237 -15.24 9.88 -15.12
N ASP D 238 -15.17 11.07 -15.69
CA ASP D 238 -13.90 11.69 -16.03
C ASP D 238 -13.05 12.08 -14.82
N MET D 239 -13.65 12.25 -13.65
CA MET D 239 -12.86 12.53 -12.44
C MET D 239 -12.31 11.28 -11.75
N ILE D 240 -12.86 10.12 -12.09
CA ILE D 240 -12.34 8.85 -11.56
C ILE D 240 -11.19 8.36 -12.43
N THR D 241 -9.97 8.50 -11.93
CA THR D 241 -8.80 8.07 -12.64
C THR D 241 -7.75 7.63 -11.63
N GLY D 242 -6.81 6.81 -12.05
CA GLY D 242 -5.77 6.29 -11.18
C GLY D 242 -6.24 5.35 -10.07
N THR D 243 -7.46 4.83 -10.17
CA THR D 243 -7.98 4.00 -9.07
C THR D 243 -8.06 2.52 -9.38
N ILE D 244 -8.00 1.72 -8.34
CA ILE D 244 -8.08 0.28 -8.46
C ILE D 244 -9.38 -0.21 -7.82
N ILE D 245 -10.29 -0.70 -8.64
CA ILE D 245 -11.55 -1.21 -8.12
C ILE D 245 -11.46 -2.73 -7.93
N GLU D 246 -11.58 -3.16 -6.68
CA GLU D 246 -11.60 -4.60 -6.39
C GLU D 246 -13.04 -5.10 -6.50
N VAL D 247 -13.25 -6.08 -7.37
CA VAL D 247 -14.56 -6.72 -7.52
C VAL D 247 -14.41 -8.19 -7.13
N THR D 248 -14.21 -8.42 -5.84
CA THR D 248 -13.83 -9.75 -5.36
C THR D 248 -14.88 -10.37 -4.44
N GLY D 249 -15.90 -9.60 -4.08
CA GLY D 249 -16.88 -10.00 -3.07
C GLY D 249 -16.31 -10.48 -1.75
N ALA D 250 -15.20 -9.86 -1.31
CA ALA D 250 -14.54 -10.15 -0.02
C ALA D 250 -13.94 -11.56 0.09
N VAL D 251 -13.63 -12.16 -1.06
CA VAL D 251 -13.06 -13.51 -1.10
C VAL D 251 -11.59 -13.42 -1.43
N ASP D 252 -10.77 -13.89 -0.51
CA ASP D 252 -9.32 -13.87 -0.65
C ASP D 252 -8.83 -14.88 -1.70
N VAL D 253 -7.97 -14.40 -2.59
CA VAL D 253 -7.38 -15.22 -3.65
C VAL D 253 -5.91 -15.49 -3.34
N ILE D 254 -5.12 -14.43 -3.26
CA ILE D 254 -3.66 -14.54 -3.19
C ILE D 254 -3.12 -15.13 -1.86
N HIS D 255 -4.01 -15.50 -0.93
CA HIS D 255 -3.61 -16.18 0.32
C HIS D 255 -4.45 -17.44 0.56
#